data_4NAQ
#
_entry.id   4NAQ
#
_cell.length_a   260.160
_cell.length_b   62.744
_cell.length_c   81.490
_cell.angle_alpha   90.00
_cell.angle_beta   100.28
_cell.angle_gamma   90.00
#
_symmetry.space_group_name_H-M   'C 1 2 1'
#
loop_
_entity.id
_entity.type
_entity.pdbx_description
1 polymer 'Aminopeptidase N'
2 polymer 'poly A peptide'
3 branched 2-acetamido-2-deoxy-beta-D-glucopyranose-(1-4)-2-acetamido-2-deoxy-beta-D-glucopyranose
4 non-polymer 2-acetamido-2-deoxy-beta-D-glucopyranose
5 non-polymer 'SULFATE ION'
6 non-polymer 'ZINC ION'
7 water water
#
loop_
_entity_poly.entity_id
_entity_poly.type
_entity_poly.pdbx_seq_one_letter_code
_entity_poly.pdbx_strand_id
1 'polypeptide(L)'
;SKPWNRYRLPTTLLPDSYNVTLRPYLTPNADGLYIFKGKSIVRFLCQEPTDVIIIHSKKLNYTTQGHMVVLRGVGDSQVP
EIDRTELVELTEYLVVHLKGSLQPGHMYEMESEFQGELADDLAGFYRSEYMEGNVKKVLATTQMQSTDARKSFPCFDEPA
MKATFNITLIHPNNLTALSNMPPKGSSTPLAEDPNWSVTEFETTPVMSTYLLAYIVSEFQSVNETAQNGVLIRIWARPNA
IAEGHGMYALNVTGPILNFFANHYNTSYPLPKSDQIALPDFNAGAMENWGLVTYRENALLFDPQSSSISNKERVVTVIAH
QLAHQWFGNLVTLAWWNDLWLNEGFASYVEYLGADHAEPTWNLKDLIVPGDVYRVMAVDALASSHPLTTPAEEVNTPAQI
SEMFDSISYSKGASVIRMLSNFLTEDLFKEGLASYLHAFAYQNTTYLDLWEHLQKAVDAQTSIRLPDTVRAIMDRWTLQM
GFPVITVDTKTGNISQKHFLLDSESNVTRSSAFDYLWIVPISSIKNGVMQDHYWLRDVSQAQNDLFKTASDDWVLLNVNV
TGYFQVNYDEDNWRMIQHQLQTNLSVIPVINRAQVIYDSFNLATAHMVPVTLALDNTLFLNGEKEYMPWQAALSSLSYFS
LMFDRSEVYGPMKKYLRKQVEPLFQHFETLTKNWTERPENLMDQYSEINAISTACSNGLPQCENLAKTLFDQWMSDPENN
PIHPNLRSTIYCNAIAQGGQDQWDFAWGQLQQAQLVNEADKLRSALACSNEVWLLNRYLGYTLNPDLIRKQDATSTINSI
ASNVIGQPLAWDFVQSNWKKLFQDYGGGSFSFSNLIQGVTRRFSSEFELQQLEQFKKNNMDVGFGSGTRALEQALEKTKA
NIKWVKENKEVVLNWFIEHSSHHHHHH
;
A
2 'polypeptide(L)' AAAAAAA B
#
# COMPACT_ATOMS: atom_id res chain seq x y z
N SER A 1 -20.76 -22.72 25.59
CA SER A 1 -21.42 -22.13 24.39
C SER A 1 -21.50 -23.13 23.23
N LYS A 2 -22.46 -22.92 22.34
CA LYS A 2 -22.65 -23.77 21.18
C LYS A 2 -21.57 -23.44 20.15
N PRO A 3 -20.97 -24.47 19.50
CA PRO A 3 -19.85 -24.18 18.58
C PRO A 3 -20.21 -23.22 17.41
N TRP A 4 -21.46 -23.25 16.97
CA TRP A 4 -21.93 -22.38 15.88
C TRP A 4 -22.07 -20.91 16.30
N ASN A 5 -21.86 -20.64 17.58
CA ASN A 5 -21.80 -19.28 18.10
C ASN A 5 -20.37 -18.81 18.37
N ARG A 6 -19.39 -19.64 18.02
CA ARG A 6 -17.98 -19.24 18.11
C ARG A 6 -17.46 -18.88 16.73
N TYR A 7 -16.60 -17.87 16.66
CA TYR A 7 -16.12 -17.36 15.38
C TYR A 7 -15.10 -18.25 14.68
N ARG A 8 -14.36 -19.05 15.44
CA ARG A 8 -13.41 -20.00 14.87
C ARG A 8 -14.10 -21.34 14.66
N LEU A 9 -13.79 -21.97 13.52
CA LEU A 9 -14.33 -23.29 13.16
C LEU A 9 -13.89 -24.34 14.15
N PRO A 10 -14.66 -25.44 14.29
CA PRO A 10 -14.18 -26.60 15.01
C PRO A 10 -12.99 -27.23 14.27
N THR A 11 -12.21 -28.04 14.97
CA THR A 11 -11.12 -28.79 14.36
C THR A 11 -11.52 -30.25 14.13
N THR A 12 -12.79 -30.57 14.34
CA THR A 12 -13.29 -31.93 14.23
C THR A 12 -13.35 -32.44 12.78
N LEU A 13 -13.50 -31.51 11.83
CA LEU A 13 -13.67 -31.86 10.42
C LEU A 13 -12.69 -31.06 9.55
N LEU A 14 -11.98 -31.74 8.67
CA LEU A 14 -11.03 -31.06 7.80
C LEU A 14 -11.31 -31.37 6.35
N PRO A 15 -11.30 -30.33 5.50
CA PRO A 15 -11.61 -30.53 4.10
C PRO A 15 -10.46 -31.20 3.39
N ASP A 16 -10.81 -31.99 2.38
CA ASP A 16 -9.87 -32.69 1.50
C ASP A 16 -9.85 -32.02 0.12
N SER A 17 -11.03 -31.86 -0.46
CA SER A 17 -11.17 -31.36 -1.83
C SER A 17 -12.60 -30.88 -2.05
N TYR A 18 -12.71 -29.95 -2.99
CA TYR A 18 -13.97 -29.34 -3.38
C TYR A 18 -14.17 -29.40 -4.90
N ASN A 19 -15.42 -29.64 -5.31
CA ASN A 19 -15.91 -29.28 -6.63
C ASN A 19 -16.76 -28.04 -6.45
N VAL A 20 -16.52 -27.03 -7.29
CA VAL A 20 -17.36 -25.85 -7.28
C VAL A 20 -17.69 -25.44 -8.72
N THR A 21 -18.98 -25.25 -8.99
CA THR A 21 -19.46 -24.78 -10.28
C THR A 21 -20.17 -23.48 -10.03
N LEU A 22 -19.71 -22.42 -10.70
CA LEU A 22 -20.36 -21.12 -10.56
C LEU A 22 -20.89 -20.63 -11.90
N ARG A 23 -21.99 -19.91 -11.85
CA ARG A 23 -22.64 -19.43 -13.05
C ARG A 23 -23.13 -18.01 -12.82
N PRO A 24 -22.34 -17.02 -13.26
CA PRO A 24 -22.80 -15.64 -13.13
C PRO A 24 -23.83 -15.30 -14.22
N TYR A 25 -24.87 -14.55 -13.85
CA TYR A 25 -25.87 -14.04 -14.80
C TYR A 25 -25.60 -12.55 -14.99
N LEU A 26 -24.94 -12.22 -16.09
CA LEU A 26 -24.44 -10.85 -16.32
C LEU A 26 -25.51 -9.91 -16.91
N THR A 27 -26.72 -10.44 -17.08
CA THR A 27 -27.93 -9.67 -17.43
C THR A 27 -28.83 -9.58 -16.19
N PRO A 28 -29.22 -8.37 -15.78
CA PRO A 28 -30.09 -8.28 -14.60
C PRO A 28 -31.46 -8.91 -14.86
N ASN A 29 -32.18 -9.26 -13.79
CA ASN A 29 -33.60 -9.63 -13.94
C ASN A 29 -34.48 -8.38 -14.13
N ALA A 30 -35.80 -8.61 -14.24
CA ALA A 30 -36.75 -7.51 -14.43
C ALA A 30 -37.03 -6.78 -13.10
N ASP A 31 -36.00 -6.10 -12.60
CA ASP A 31 -35.94 -5.50 -11.26
C ASP A 31 -34.55 -4.94 -11.04
N GLY A 32 -33.62 -5.32 -11.91
CA GLY A 32 -32.25 -4.84 -11.85
C GLY A 32 -31.35 -5.64 -10.91
N LEU A 33 -31.80 -6.82 -10.49
CA LEU A 33 -30.96 -7.70 -9.65
C LEU A 33 -30.05 -8.60 -10.50
N TYR A 34 -28.75 -8.56 -10.23
CA TYR A 34 -27.84 -9.53 -10.85
C TYR A 34 -27.58 -10.68 -9.88
N ILE A 35 -27.58 -11.92 -10.36
CA ILE A 35 -27.32 -13.08 -9.48
C ILE A 35 -26.25 -14.02 -10.04
N PHE A 36 -25.73 -14.89 -9.19
CA PHE A 36 -24.98 -16.03 -9.67
C PHE A 36 -25.59 -17.27 -9.04
N LYS A 37 -25.50 -18.40 -9.72
CA LYS A 37 -25.91 -19.67 -9.13
C LYS A 37 -24.67 -20.51 -8.99
N GLY A 38 -24.73 -21.46 -8.08
CA GLY A 38 -23.63 -22.34 -7.83
C GLY A 38 -24.08 -23.69 -7.31
N LYS A 39 -23.18 -24.63 -7.45
CA LYS A 39 -23.35 -25.96 -6.95
C LYS A 39 -21.97 -26.36 -6.44
N SER A 40 -21.92 -27.02 -5.29
CA SER A 40 -20.64 -27.44 -4.74
C SER A 40 -20.71 -28.80 -4.04
N ILE A 41 -19.60 -29.52 -4.08
CA ILE A 41 -19.45 -30.70 -3.24
C ILE A 41 -18.14 -30.55 -2.48
N VAL A 42 -18.23 -30.63 -1.15
CA VAL A 42 -17.00 -30.66 -0.37
C VAL A 42 -16.80 -32.04 0.22
N ARG A 43 -15.59 -32.57 0.02
CA ARG A 43 -15.19 -33.81 0.65
C ARG A 43 -14.33 -33.46 1.86
N PHE A 44 -14.70 -33.99 3.03
CA PHE A 44 -13.98 -33.72 4.25
C PHE A 44 -13.78 -35.01 5.04
N LEU A 45 -12.82 -34.97 5.96
CA LEU A 45 -12.47 -36.12 6.79
C LEU A 45 -12.80 -35.82 8.24
N CYS A 46 -13.48 -36.74 8.91
CA CYS A 46 -13.75 -36.62 10.34
C CYS A 46 -12.48 -36.93 11.15
N GLN A 47 -12.05 -35.96 11.98
CA GLN A 47 -10.91 -36.17 12.88
C GLN A 47 -11.34 -36.66 14.24
N GLU A 48 -12.41 -36.07 14.78
CA GLU A 48 -12.94 -36.38 16.11
C GLU A 48 -14.44 -36.56 15.93
N PRO A 49 -15.04 -37.52 16.66
CA PRO A 49 -16.48 -37.70 16.44
C PRO A 49 -17.26 -36.42 16.71
N THR A 50 -18.30 -36.17 15.90
CA THR A 50 -19.15 -35.00 16.06
C THR A 50 -20.49 -35.24 15.35
N ASP A 51 -21.54 -34.63 15.89
CA ASP A 51 -22.88 -34.76 15.33
C ASP A 51 -23.35 -33.46 14.69
N VAL A 52 -22.41 -32.60 14.35
CA VAL A 52 -22.71 -31.34 13.70
C VAL A 52 -21.61 -31.00 12.68
N ILE A 53 -22.02 -30.45 11.53
CA ILE A 53 -21.08 -29.94 10.54
C ILE A 53 -21.27 -28.46 10.55
N ILE A 54 -20.16 -27.76 10.79
CA ILE A 54 -20.17 -26.32 10.75
C ILE A 54 -19.21 -25.86 9.64
N ILE A 55 -19.75 -25.11 8.68
CA ILE A 55 -19.00 -24.67 7.52
C ILE A 55 -19.41 -23.21 7.29
N HIS A 56 -18.56 -22.39 6.67
CA HIS A 56 -18.94 -21.01 6.42
C HIS A 56 -19.89 -20.86 5.23
N SER A 57 -20.79 -19.88 5.37
CA SER A 57 -21.73 -19.49 4.35
C SER A 57 -22.15 -18.05 4.62
N LYS A 58 -22.03 -17.20 3.61
CA LYS A 58 -22.37 -15.79 3.75
C LYS A 58 -23.20 -15.30 2.58
N LYS A 59 -24.41 -14.84 2.88
CA LYS A 59 -25.31 -14.26 1.90
C LYS A 59 -25.63 -15.17 0.74
N LEU A 60 -25.76 -16.45 1.04
CA LEU A 60 -26.20 -17.44 0.06
C LEU A 60 -27.57 -17.96 0.41
N ASN A 61 -28.42 -18.12 -0.62
CA ASN A 61 -29.70 -18.82 -0.49
C ASN A 61 -29.50 -20.23 -1.05
N TYR A 62 -29.99 -21.24 -0.33
CA TYR A 62 -29.84 -22.63 -0.73
C TYR A 62 -31.08 -23.11 -1.45
N THR A 63 -30.88 -23.82 -2.56
CA THR A 63 -31.98 -24.34 -3.33
C THR A 63 -31.83 -25.85 -3.46
N THR A 64 -30.89 -26.42 -2.71
CA THR A 64 -30.68 -27.86 -2.62
C THR A 64 -32.00 -28.59 -2.39
N GLN A 65 -32.16 -29.74 -3.02
CA GLN A 65 -33.32 -30.60 -2.77
C GLN A 65 -33.29 -31.15 -1.34
N GLY A 66 -34.35 -30.87 -0.58
CA GLY A 66 -34.48 -31.39 0.79
C GLY A 66 -33.99 -30.38 1.81
N HIS A 67 -33.00 -30.76 2.60
CA HIS A 67 -32.34 -29.80 3.48
C HIS A 67 -31.42 -28.95 2.62
N MET A 68 -30.68 -28.05 3.26
CA MET A 68 -29.77 -27.14 2.55
C MET A 68 -28.57 -27.87 1.96
N VAL A 69 -28.27 -29.05 2.48
CA VAL A 69 -27.23 -29.91 1.91
C VAL A 69 -27.75 -31.33 1.74
N VAL A 70 -27.04 -32.11 0.94
CA VAL A 70 -27.17 -33.54 0.89
C VAL A 70 -25.83 -34.08 1.40
N LEU A 71 -25.89 -35.09 2.26
CA LEU A 71 -24.67 -35.62 2.88
C LEU A 71 -24.51 -37.09 2.56
N ARG A 72 -23.36 -37.46 2.02
CA ARG A 72 -23.08 -38.85 1.66
C ARG A 72 -21.79 -39.31 2.31
N GLY A 73 -21.62 -40.62 2.40
CA GLY A 73 -20.36 -41.20 2.81
C GLY A 73 -19.50 -41.49 1.61
N VAL A 74 -18.18 -41.35 1.77
CA VAL A 74 -17.21 -41.70 0.73
C VAL A 74 -16.91 -43.20 0.76
N GLY A 75 -16.82 -43.84 -0.41
CA GLY A 75 -16.56 -45.28 -0.49
C GLY A 75 -17.71 -46.01 0.17
N ASP A 76 -17.43 -46.84 1.17
CA ASP A 76 -18.52 -47.56 1.85
C ASP A 76 -18.83 -47.03 3.26
N SER A 77 -18.43 -45.80 3.56
CA SER A 77 -18.81 -45.22 4.84
C SER A 77 -20.30 -44.99 4.88
N GLN A 78 -20.91 -45.29 6.01
CA GLN A 78 -22.30 -44.95 6.25
C GLN A 78 -22.34 -43.49 6.68
N VAL A 79 -23.50 -42.87 6.59
CA VAL A 79 -23.62 -41.47 6.97
C VAL A 79 -24.83 -41.33 7.90
N PRO A 80 -24.74 -40.48 8.94
CA PRO A 80 -25.96 -40.23 9.72
C PRO A 80 -26.97 -39.40 8.94
N GLU A 81 -28.24 -39.51 9.32
CA GLU A 81 -29.30 -38.70 8.75
C GLU A 81 -29.17 -37.28 9.25
N ILE A 82 -29.57 -36.33 8.40
CA ILE A 82 -29.64 -34.94 8.78
C ILE A 82 -30.88 -34.71 9.66
N ASP A 83 -30.70 -33.99 10.76
CA ASP A 83 -31.83 -33.53 11.55
C ASP A 83 -32.41 -32.23 10.98
N ARG A 84 -31.56 -31.23 10.85
CA ARG A 84 -31.93 -29.97 10.22
C ARG A 84 -30.67 -29.21 9.82
N THR A 85 -30.87 -28.27 8.90
CA THR A 85 -29.83 -27.33 8.51
C THR A 85 -30.34 -25.93 8.79
N GLU A 86 -29.46 -25.09 9.33
CA GLU A 86 -29.79 -23.71 9.59
C GLU A 86 -28.63 -22.80 9.21
N LEU A 87 -28.94 -21.54 8.97
CA LEU A 87 -27.94 -20.51 8.75
C LEU A 87 -27.81 -19.66 10.00
N VAL A 88 -26.58 -19.48 10.48
CA VAL A 88 -26.31 -18.62 11.63
C VAL A 88 -25.53 -17.42 11.10
N GLU A 89 -26.23 -16.29 10.96
CA GLU A 89 -25.72 -15.14 10.22
C GLU A 89 -24.52 -14.45 10.87
N LEU A 90 -24.57 -14.35 12.19
CA LEU A 90 -23.56 -13.59 12.93
C LEU A 90 -22.16 -14.17 12.70
N THR A 91 -22.03 -15.47 12.89
CA THR A 91 -20.76 -16.13 12.73
C THR A 91 -20.57 -16.70 11.31
N GLU A 92 -21.53 -16.40 10.42
CA GLU A 92 -21.44 -16.72 8.98
C GLU A 92 -21.27 -18.22 8.74
N TYR A 93 -22.19 -18.98 9.33
CA TYR A 93 -22.17 -20.44 9.28
C TYR A 93 -23.42 -21.02 8.65
N LEU A 94 -23.22 -22.11 7.94
CA LEU A 94 -24.25 -23.09 7.66
C LEU A 94 -23.98 -24.24 8.62
N VAL A 95 -25.04 -24.65 9.32
CA VAL A 95 -24.95 -25.64 10.40
C VAL A 95 -25.85 -26.82 10.06
N VAL A 96 -25.24 -27.99 9.97
CA VAL A 96 -25.92 -29.22 9.66
C VAL A 96 -25.94 -30.08 10.91
N HIS A 97 -27.10 -30.09 11.57
CA HIS A 97 -27.32 -30.93 12.75
C HIS A 97 -27.65 -32.33 12.30
N LEU A 98 -26.90 -33.30 12.82
CA LEU A 98 -27.08 -34.69 12.43
C LEU A 98 -27.78 -35.51 13.51
N LYS A 99 -28.38 -36.63 13.11
CA LYS A 99 -29.06 -37.56 14.02
C LYS A 99 -28.13 -38.59 14.66
N GLY A 100 -26.86 -38.55 14.30
CA GLY A 100 -25.83 -39.42 14.87
C GLY A 100 -24.47 -38.79 14.59
N SER A 101 -23.41 -39.44 15.04
CA SER A 101 -22.08 -38.87 14.93
C SER A 101 -21.31 -39.35 13.72
N LEU A 102 -20.58 -38.42 13.09
CA LEU A 102 -19.56 -38.79 12.11
C LEU A 102 -18.43 -39.55 12.81
N GLN A 103 -17.75 -40.44 12.07
CA GLN A 103 -16.74 -41.32 12.65
C GLN A 103 -15.30 -40.98 12.24
N PRO A 104 -14.39 -40.87 13.23
CA PRO A 104 -12.98 -40.58 12.99
C PRO A 104 -12.41 -41.45 11.90
N GLY A 105 -11.67 -40.83 11.00
CA GLY A 105 -11.05 -41.54 9.89
C GLY A 105 -11.99 -41.68 8.70
N HIS A 106 -13.28 -41.43 8.87
CA HIS A 106 -14.18 -41.56 7.73
C HIS A 106 -14.23 -40.26 6.92
N MET A 107 -14.39 -40.40 5.60
CA MET A 107 -14.57 -39.28 4.69
C MET A 107 -16.03 -39.15 4.25
N TYR A 108 -16.48 -37.91 4.12
CA TYR A 108 -17.86 -37.57 3.76
C TYR A 108 -17.89 -36.54 2.65
N GLU A 109 -18.93 -36.61 1.82
CA GLU A 109 -19.20 -35.62 0.78
C GLU A 109 -20.49 -34.84 1.08
N MET A 110 -20.38 -33.51 1.06
CA MET A 110 -21.51 -32.65 1.32
C MET A 110 -21.81 -31.78 0.08
N GLU A 111 -23.01 -31.96 -0.46
CA GLU A 111 -23.39 -31.30 -1.71
C GLU A 111 -24.43 -30.23 -1.43
N SER A 112 -24.29 -29.10 -2.10
CA SER A 112 -25.25 -28.02 -1.99
C SER A 112 -25.49 -27.32 -3.33
N GLU A 113 -26.65 -26.69 -3.43
CA GLU A 113 -26.99 -25.83 -4.57
C GLU A 113 -27.49 -24.52 -3.99
N PHE A 114 -27.07 -23.42 -4.60
CA PHE A 114 -27.22 -22.11 -3.97
C PHE A 114 -27.14 -20.98 -4.96
N GLN A 115 -27.54 -19.79 -4.49
CA GLN A 115 -27.37 -18.59 -5.27
C GLN A 115 -27.19 -17.39 -4.40
N GLY A 116 -26.58 -16.38 -4.97
CA GLY A 116 -26.33 -15.12 -4.29
C GLY A 116 -26.42 -13.97 -5.24
N GLU A 117 -26.42 -12.75 -4.69
CA GLU A 117 -26.40 -11.57 -5.53
C GLU A 117 -25.00 -11.41 -6.11
N LEU A 118 -24.96 -11.13 -7.41
CA LEU A 118 -23.71 -10.76 -8.05
C LEU A 118 -23.62 -9.24 -7.94
N ALA A 119 -23.31 -8.79 -6.73
CA ALA A 119 -23.38 -7.37 -6.38
C ALA A 119 -22.18 -6.58 -6.88
N ASP A 120 -22.36 -5.27 -6.85
N ASP A 120 -22.32 -5.27 -7.00
CA ASP A 120 -21.38 -4.27 -7.23
CA ASP A 120 -21.16 -4.44 -7.34
C ASP A 120 -20.54 -3.92 -6.00
C ASP A 120 -20.50 -3.96 -6.06
N ASP A 121 -20.07 -4.92 -5.24
CA ASP A 121 -19.57 -4.70 -3.88
C ASP A 121 -18.14 -5.17 -3.61
N LEU A 122 -17.43 -5.62 -4.65
CA LEU A 122 -16.03 -6.07 -4.53
C LEU A 122 -15.78 -7.15 -3.49
N ALA A 123 -16.75 -8.04 -3.31
CA ALA A 123 -16.66 -9.03 -2.23
C ALA A 123 -17.23 -10.35 -2.71
N GLY A 124 -16.47 -11.44 -2.53
CA GLY A 124 -16.88 -12.77 -3.00
C GLY A 124 -16.85 -12.79 -4.53
N PHE A 125 -17.85 -13.44 -5.12
CA PHE A 125 -18.08 -13.39 -6.58
C PHE A 125 -18.96 -12.17 -6.75
N TYR A 126 -18.47 -11.19 -7.51
CA TYR A 126 -19.16 -9.92 -7.62
C TYR A 126 -19.11 -9.44 -9.06
N ARG A 127 -19.86 -8.39 -9.38
CA ARG A 127 -19.80 -7.88 -10.75
C ARG A 127 -19.04 -6.57 -10.79
N SER A 128 -18.44 -6.31 -11.94
CA SER A 128 -17.79 -5.04 -12.22
C SER A 128 -18.29 -4.47 -13.54
N GLU A 129 -18.73 -3.21 -13.52
CA GLU A 129 -19.29 -2.53 -14.68
C GLU A 129 -18.31 -1.49 -15.21
N TYR A 130 -18.18 -1.41 -16.53
CA TYR A 130 -17.32 -0.39 -17.16
C TYR A 130 -17.82 -0.08 -18.57
N MET A 131 -17.25 0.95 -19.18
CA MET A 131 -17.67 1.36 -20.53
C MET A 131 -16.69 0.99 -21.66
N GLU A 132 -17.23 0.43 -22.73
CA GLU A 132 -16.51 0.27 -24.00
C GLU A 132 -17.29 1.00 -25.12
N GLY A 133 -16.82 2.20 -25.46
CA GLY A 133 -17.56 3.07 -26.36
C GLY A 133 -18.83 3.52 -25.67
N ASN A 134 -19.96 3.43 -26.36
CA ASN A 134 -21.26 3.77 -25.77
C ASN A 134 -21.88 2.57 -25.03
N VAL A 135 -21.16 1.46 -25.00
CA VAL A 135 -21.66 0.21 -24.42
C VAL A 135 -21.20 0.05 -22.96
N LYS A 136 -22.15 -0.20 -22.07
CA LYS A 136 -21.85 -0.59 -20.69
C LYS A 136 -21.59 -2.09 -20.63
N LYS A 137 -20.38 -2.45 -20.21
CA LYS A 137 -19.97 -3.85 -20.04
C LYS A 137 -20.03 -4.26 -18.56
N VAL A 138 -20.33 -5.53 -18.32
CA VAL A 138 -20.38 -6.10 -16.97
C VAL A 138 -19.59 -7.40 -17.03
N LEU A 139 -18.59 -7.54 -16.15
CA LEU A 139 -17.88 -8.81 -15.97
C LEU A 139 -18.11 -9.38 -14.56
N ALA A 140 -17.79 -10.65 -14.37
CA ALA A 140 -17.87 -11.28 -13.06
C ALA A 140 -16.47 -11.62 -12.63
N THR A 141 -16.14 -11.29 -11.39
CA THR A 141 -14.80 -11.55 -10.88
C THR A 141 -14.88 -11.80 -9.37
N THR A 142 -13.73 -11.99 -8.73
CA THR A 142 -13.69 -12.40 -7.33
C THR A 142 -12.78 -11.56 -6.46
N GLN A 143 -13.13 -11.46 -5.20
CA GLN A 143 -12.23 -10.95 -4.19
C GLN A 143 -12.59 -11.70 -2.89
N MET A 144 -11.79 -12.71 -2.56
CA MET A 144 -12.08 -13.57 -1.39
C MET A 144 -11.41 -13.01 -0.16
N GLN A 145 -10.30 -12.29 -0.35
CA GLN A 145 -9.55 -11.69 0.77
C GLN A 145 -10.49 -10.81 1.65
N SER A 146 -10.65 -11.10 2.95
CA SER A 146 -10.03 -12.21 3.68
C SER A 146 -11.01 -13.32 3.94
N THR A 147 -12.26 -12.94 4.20
CA THR A 147 -13.26 -13.93 4.62
C THR A 147 -14.50 -13.93 3.71
N ASP A 148 -14.28 -13.73 2.41
CA ASP A 148 -15.35 -13.74 1.44
C ASP A 148 -15.48 -14.93 0.49
N ALA A 149 -14.62 -15.94 0.60
CA ALA A 149 -14.86 -17.17 -0.21
C ALA A 149 -16.24 -17.75 0.09
N ARG A 150 -16.59 -17.72 1.38
CA ARG A 150 -17.87 -18.20 1.91
C ARG A 150 -19.08 -17.45 1.34
N LYS A 151 -18.84 -16.31 0.71
CA LYS A 151 -19.89 -15.51 0.08
C LYS A 151 -20.16 -16.01 -1.35
N SER A 152 -19.27 -16.86 -1.86
CA SER A 152 -19.44 -17.43 -3.20
C SER A 152 -19.81 -18.90 -3.20
N PHE A 153 -19.45 -19.64 -2.15
CA PHE A 153 -19.83 -21.06 -1.99
C PHE A 153 -19.54 -21.49 -0.56
N PRO A 154 -20.26 -22.50 -0.05
CA PRO A 154 -19.99 -22.89 1.33
C PRO A 154 -18.65 -23.59 1.45
N CYS A 155 -17.86 -23.17 2.43
CA CYS A 155 -16.51 -23.70 2.58
C CYS A 155 -15.99 -23.51 3.99
N PHE A 156 -15.00 -24.31 4.35
CA PHE A 156 -14.27 -24.12 5.62
C PHE A 156 -13.28 -23.00 5.37
N ASP A 157 -13.72 -21.78 5.66
CA ASP A 157 -13.07 -20.60 5.14
C ASP A 157 -12.12 -19.99 6.16
N GLU A 158 -11.11 -20.79 6.53
CA GLU A 158 -9.94 -20.37 7.31
C GLU A 158 -8.68 -20.76 6.56
N PRO A 159 -7.64 -19.89 6.59
CA PRO A 159 -6.46 -20.11 5.72
C PRO A 159 -5.68 -21.41 5.92
N ALA A 160 -5.68 -21.99 7.13
CA ALA A 160 -4.96 -23.25 7.37
C ALA A 160 -5.71 -24.48 6.84
N MET A 161 -7.01 -24.34 6.59
CA MET A 161 -7.83 -25.47 6.14
C MET A 161 -7.81 -25.57 4.63
N LYS A 162 -6.65 -25.99 4.15
CA LYS A 162 -6.35 -26.03 2.73
C LYS A 162 -6.92 -27.26 2.08
N ALA A 163 -7.14 -27.16 0.77
CA ALA A 163 -7.76 -28.24 0.04
C ALA A 163 -7.44 -28.03 -1.43
N THR A 164 -7.74 -29.03 -2.25
CA THR A 164 -7.69 -28.88 -3.71
C THR A 164 -9.08 -28.44 -4.15
N PHE A 165 -9.12 -27.66 -5.22
CA PHE A 165 -10.37 -27.15 -5.77
C PHE A 165 -10.45 -27.47 -7.26
N ASN A 166 -11.61 -28.04 -7.65
CA ASN A 166 -11.98 -28.22 -9.06
C ASN A 166 -13.07 -27.24 -9.39
N ILE A 167 -12.67 -26.20 -10.11
CA ILE A 167 -13.56 -25.10 -10.46
C ILE A 167 -14.09 -25.32 -11.87
N THR A 168 -15.38 -25.10 -12.03
CA THR A 168 -16.05 -25.07 -13.32
C THR A 168 -16.85 -23.76 -13.38
N LEU A 169 -16.73 -23.04 -14.49
CA LEU A 169 -17.56 -21.86 -14.73
C LEU A 169 -18.52 -22.11 -15.87
N ILE A 170 -19.76 -21.66 -15.69
CA ILE A 170 -20.78 -21.69 -16.74
C ILE A 170 -21.04 -20.24 -17.11
N HIS A 171 -20.84 -19.91 -18.38
CA HIS A 171 -20.75 -18.51 -18.79
C HIS A 171 -21.25 -18.33 -20.23
N PRO A 172 -21.60 -17.08 -20.62
CA PRO A 172 -21.98 -16.86 -22.02
C PRO A 172 -20.88 -17.37 -22.95
N ASN A 173 -21.25 -18.02 -24.05
CA ASN A 173 -20.27 -18.72 -24.87
C ASN A 173 -19.27 -17.81 -25.60
N ASN A 174 -19.52 -16.51 -25.62
CA ASN A 174 -18.58 -15.59 -26.25
C ASN A 174 -17.70 -14.84 -25.26
N LEU A 175 -17.71 -15.28 -24.01
CA LEU A 175 -16.87 -14.70 -22.98
C LEU A 175 -15.78 -15.67 -22.56
N THR A 176 -14.67 -15.17 -22.04
CA THR A 176 -13.58 -16.00 -21.56
C THR A 176 -13.69 -16.21 -20.05
N ALA A 177 -13.44 -17.45 -19.62
CA ALA A 177 -13.49 -17.86 -18.23
C ALA A 177 -12.06 -18.14 -17.78
N LEU A 178 -11.65 -17.54 -16.66
CA LEU A 178 -10.32 -17.72 -16.10
C LEU A 178 -10.41 -18.17 -14.66
N SER A 179 -9.44 -18.96 -14.21
CA SER A 179 -9.37 -19.33 -12.81
C SER A 179 -7.92 -19.50 -12.39
N ASN A 180 -7.71 -20.00 -11.18
CA ASN A 180 -6.35 -20.20 -10.69
C ASN A 180 -5.51 -21.03 -11.62
N MET A 181 -6.10 -22.12 -12.13
CA MET A 181 -5.40 -23.12 -12.94
C MET A 181 -5.78 -22.97 -14.41
N PRO A 182 -5.01 -23.58 -15.35
CA PRO A 182 -5.48 -23.58 -16.75
C PRO A 182 -6.80 -24.31 -16.94
N PRO A 183 -7.55 -23.96 -17.99
CA PRO A 183 -8.68 -24.80 -18.37
C PRO A 183 -8.23 -26.23 -18.71
N LYS A 184 -9.10 -27.20 -18.48
CA LYS A 184 -8.84 -28.60 -18.81
C LYS A 184 -8.76 -28.81 -20.32
N GLY A 185 -9.54 -28.01 -21.04
CA GLY A 185 -9.60 -28.07 -22.48
C GLY A 185 -10.55 -27.00 -22.93
N SER A 186 -10.98 -27.10 -24.17
CA SER A 186 -11.90 -26.11 -24.70
C SER A 186 -13.27 -26.27 -24.02
N SER A 187 -13.97 -25.15 -23.97
CA SER A 187 -15.30 -25.10 -23.39
C SER A 187 -16.27 -25.94 -24.21
N THR A 188 -17.30 -26.43 -23.54
CA THR A 188 -18.33 -27.20 -24.21
C THR A 188 -19.68 -26.54 -23.96
N PRO A 189 -20.65 -26.73 -24.86
CA PRO A 189 -21.92 -26.01 -24.68
C PRO A 189 -22.69 -26.55 -23.48
N LEU A 190 -23.39 -25.66 -22.79
CA LEU A 190 -24.29 -26.11 -21.74
C LEU A 190 -25.52 -26.73 -22.40
N ALA A 191 -25.77 -28.00 -22.11
CA ALA A 191 -26.87 -28.75 -22.75
C ALA A 191 -28.24 -28.12 -22.57
N GLU A 192 -28.53 -27.62 -21.38
CA GLU A 192 -29.82 -26.95 -21.12
C GLU A 192 -29.98 -25.64 -21.91
N ASP A 193 -28.88 -25.00 -22.28
CA ASP A 193 -28.93 -23.77 -23.07
C ASP A 193 -27.55 -23.49 -23.70
N PRO A 194 -27.35 -23.89 -24.98
CA PRO A 194 -26.04 -23.76 -25.64
C PRO A 194 -25.56 -22.32 -25.89
N ASN A 195 -26.37 -21.31 -25.54
CA ASN A 195 -25.81 -19.96 -25.51
C ASN A 195 -24.79 -19.82 -24.40
N TRP A 196 -24.84 -20.76 -23.46
CA TRP A 196 -23.85 -20.85 -22.38
C TRP A 196 -22.83 -21.92 -22.71
N SER A 197 -21.62 -21.70 -22.23
CA SER A 197 -20.57 -22.70 -22.27
C SER A 197 -20.11 -23.08 -20.86
N VAL A 198 -19.47 -24.24 -20.78
CA VAL A 198 -18.95 -24.79 -19.55
C VAL A 198 -17.44 -24.87 -19.70
N THR A 199 -16.72 -24.17 -18.82
CA THR A 199 -15.25 -24.28 -18.77
C THR A 199 -14.81 -24.93 -17.46
N GLU A 200 -14.16 -26.07 -17.56
CA GLU A 200 -13.64 -26.79 -16.41
C GLU A 200 -12.17 -26.47 -16.30
N PHE A 201 -11.70 -26.32 -15.08
CA PHE A 201 -10.29 -25.99 -14.82
C PHE A 201 -9.57 -27.15 -14.16
N GLU A 202 -8.28 -27.26 -14.41
CA GLU A 202 -7.46 -28.29 -13.76
C GLU A 202 -7.52 -28.12 -12.23
N THR A 203 -7.40 -29.24 -11.53
CA THR A 203 -7.35 -29.25 -10.08
C THR A 203 -6.25 -28.32 -9.53
N THR A 204 -6.58 -27.47 -8.56
CA THR A 204 -5.56 -26.65 -7.91
C THR A 204 -4.65 -27.51 -7.05
N PRO A 205 -3.45 -27.00 -6.71
CA PRO A 205 -2.76 -27.63 -5.59
C PRO A 205 -3.55 -27.41 -4.28
N VAL A 206 -3.11 -28.08 -3.22
CA VAL A 206 -3.63 -27.88 -1.88
C VAL A 206 -3.42 -26.40 -1.58
N MET A 207 -4.51 -25.69 -1.26
CA MET A 207 -4.47 -24.23 -1.13
C MET A 207 -5.58 -23.65 -0.25
N SER A 208 -5.41 -22.38 0.10
CA SER A 208 -6.36 -21.65 0.93
C SER A 208 -7.51 -21.05 0.13
N THR A 209 -8.70 -21.10 0.72
CA THR A 209 -9.91 -20.48 0.12
C THR A 209 -9.74 -19.01 -0.22
N TYR A 210 -8.99 -18.25 0.58
CA TYR A 210 -8.90 -16.80 0.33
C TYR A 210 -8.11 -16.48 -0.93
N LEU A 211 -7.47 -17.49 -1.54
CA LEU A 211 -6.63 -17.25 -2.73
C LEU A 211 -7.28 -17.74 -4.03
N LEU A 212 -8.51 -18.23 -3.93
CA LEU A 212 -9.25 -18.66 -5.12
C LEU A 212 -9.66 -17.46 -5.92
N ALA A 213 -9.77 -17.66 -7.24
CA ALA A 213 -10.26 -16.62 -8.14
C ALA A 213 -10.88 -17.22 -9.38
N TYR A 214 -11.89 -16.54 -9.90
CA TYR A 214 -12.51 -16.97 -11.15
C TYR A 214 -13.18 -15.76 -11.78
N ILE A 215 -13.03 -15.63 -13.10
CA ILE A 215 -13.38 -14.40 -13.77
C ILE A 215 -14.02 -14.74 -15.10
N VAL A 216 -15.14 -14.08 -15.40
CA VAL A 216 -15.84 -14.22 -16.70
C VAL A 216 -15.91 -12.82 -17.30
N SER A 217 -15.36 -12.67 -18.51
CA SER A 217 -15.24 -11.34 -19.14
C SER A 217 -14.94 -11.44 -20.64
N GLU A 218 -14.93 -10.26 -21.27
CA GLU A 218 -14.53 -10.08 -22.68
C GLU A 218 -13.05 -9.76 -22.84
N PHE A 219 -12.25 -9.96 -21.78
CA PHE A 219 -10.88 -9.49 -21.82
C PHE A 219 -10.00 -10.27 -22.81
N GLN A 220 -8.94 -9.62 -23.28
CA GLN A 220 -7.94 -10.27 -24.13
C GLN A 220 -6.58 -10.16 -23.45
N SER A 221 -5.58 -10.85 -23.98
CA SER A 221 -4.30 -10.95 -23.32
C SER A 221 -3.13 -10.74 -24.29
N VAL A 222 -2.00 -10.32 -23.73
CA VAL A 222 -0.70 -10.50 -24.37
C VAL A 222 0.02 -11.61 -23.61
N ASN A 223 0.82 -12.40 -24.33
CA ASN A 223 1.38 -13.59 -23.72
C ASN A 223 2.82 -13.89 -24.06
N GLU A 224 3.43 -14.66 -23.18
CA GLU A 224 4.76 -15.15 -23.40
C GLU A 224 4.86 -16.52 -22.74
N THR A 225 5.59 -17.42 -23.36
CA THR A 225 5.91 -18.70 -22.75
C THR A 225 7.34 -18.58 -22.25
N ALA A 226 7.54 -18.73 -20.95
CA ALA A 226 8.90 -18.79 -20.41
C ALA A 226 9.58 -20.06 -20.93
N GLN A 227 10.91 -20.12 -20.81
CA GLN A 227 11.67 -21.26 -21.31
C GLN A 227 11.32 -22.60 -20.64
N ASN A 228 10.89 -22.54 -19.37
CA ASN A 228 10.44 -23.73 -18.65
C ASN A 228 8.99 -24.15 -19.00
N GLY A 229 8.39 -23.49 -19.98
CA GLY A 229 7.03 -23.80 -20.43
C GLY A 229 5.92 -23.08 -19.67
N VAL A 230 6.26 -22.31 -18.64
CA VAL A 230 5.24 -21.55 -17.89
C VAL A 230 4.63 -20.46 -18.78
N LEU A 231 3.32 -20.53 -18.97
CA LEU A 231 2.62 -19.53 -19.74
C LEU A 231 2.31 -18.27 -18.89
N ILE A 232 2.69 -17.13 -19.45
CA ILE A 232 2.55 -15.84 -18.80
C ILE A 232 1.61 -15.00 -19.63
N ARG A 233 0.54 -14.52 -18.99
CA ARG A 233 -0.41 -13.68 -19.69
C ARG A 233 -0.80 -12.48 -18.86
N ILE A 234 -0.95 -11.35 -19.54
CA ILE A 234 -1.49 -10.11 -19.01
C ILE A 234 -2.84 -9.91 -19.70
N TRP A 235 -3.90 -9.81 -18.89
CA TRP A 235 -5.27 -9.66 -19.37
C TRP A 235 -5.77 -8.26 -19.08
N ALA A 236 -6.53 -7.70 -20.03
CA ALA A 236 -7.13 -6.38 -19.86
C ALA A 236 -8.26 -6.16 -20.87
N ARG A 237 -8.96 -5.05 -20.71
CA ARG A 237 -9.97 -4.62 -21.70
C ARG A 237 -9.37 -4.69 -23.10
N PRO A 238 -10.17 -5.14 -24.09
CA PRO A 238 -9.66 -5.26 -25.47
C PRO A 238 -8.99 -3.98 -26.00
N ASN A 239 -9.57 -2.81 -25.70
CA ASN A 239 -8.96 -1.55 -26.17
C ASN A 239 -7.64 -1.23 -25.46
N ALA A 240 -7.54 -1.58 -24.17
CA ALA A 240 -6.27 -1.42 -23.45
C ALA A 240 -5.19 -2.32 -24.06
N ILE A 241 -5.54 -3.56 -24.37
CA ILE A 241 -4.58 -4.48 -24.99
C ILE A 241 -4.14 -3.99 -26.38
N ALA A 242 -5.11 -3.57 -27.19
CA ALA A 242 -4.82 -3.11 -28.55
C ALA A 242 -3.92 -1.88 -28.53
N GLU A 243 -4.08 -1.03 -27.51
CA GLU A 243 -3.24 0.16 -27.32
C GLU A 243 -1.81 -0.16 -26.88
N GLY A 244 -1.56 -1.42 -26.49
CA GLY A 244 -0.24 -1.85 -26.06
C GLY A 244 0.05 -1.66 -24.58
N HIS A 245 -0.99 -1.33 -23.80
CA HIS A 245 -0.79 -0.94 -22.41
C HIS A 245 -0.38 -2.07 -21.46
N GLY A 246 -0.50 -3.31 -21.94
CA GLY A 246 -0.13 -4.48 -21.16
C GLY A 246 1.32 -4.88 -21.36
N MET A 247 2.04 -4.20 -22.26
CA MET A 247 3.39 -4.63 -22.64
C MET A 247 4.43 -4.53 -21.53
N TYR A 248 4.41 -3.43 -20.76
CA TYR A 248 5.41 -3.30 -19.71
C TYR A 248 5.26 -4.41 -18.65
N ALA A 249 4.03 -4.66 -18.21
CA ALA A 249 3.74 -5.78 -17.30
C ALA A 249 4.26 -7.12 -17.85
N LEU A 250 3.97 -7.40 -19.11
CA LEU A 250 4.48 -8.60 -19.76
C LEU A 250 6.00 -8.63 -19.73
N ASN A 251 6.66 -7.51 -20.02
CA ASN A 251 8.12 -7.43 -20.02
C ASN A 251 8.75 -7.81 -18.69
N VAL A 252 8.17 -7.35 -17.57
CA VAL A 252 8.85 -7.55 -16.29
C VAL A 252 8.50 -8.86 -15.59
N THR A 253 7.36 -9.47 -15.96
CA THR A 253 6.83 -10.62 -15.24
C THR A 253 7.77 -11.82 -15.28
N GLY A 254 8.23 -12.17 -16.48
CA GLY A 254 9.18 -13.28 -16.68
C GLY A 254 10.44 -13.13 -15.84
N PRO A 255 11.14 -11.98 -15.97
CA PRO A 255 12.30 -11.76 -15.09
C PRO A 255 11.98 -11.79 -13.58
N ILE A 256 10.83 -11.28 -13.18
CA ILE A 256 10.47 -11.32 -11.75
C ILE A 256 10.24 -12.76 -11.27
N LEU A 257 9.46 -13.53 -12.03
CA LEU A 257 9.26 -14.93 -11.69
C LEU A 257 10.59 -15.68 -11.56
N ASN A 258 11.51 -15.45 -12.50
CA ASN A 258 12.83 -16.12 -12.46
C ASN A 258 13.63 -15.69 -11.25
N PHE A 259 13.61 -14.40 -10.95
CA PHE A 259 14.27 -13.94 -9.75
C PHE A 259 13.76 -14.66 -8.51
N PHE A 260 12.45 -14.76 -8.38
CA PHE A 260 11.91 -15.35 -7.16
C PHE A 260 12.16 -16.85 -7.06
N ALA A 261 12.02 -17.59 -8.15
CA ALA A 261 12.31 -19.05 -8.13
C ALA A 261 13.73 -19.28 -7.57
N ASN A 262 14.69 -18.48 -8.05
CA ASN A 262 16.05 -18.56 -7.53
C ASN A 262 16.19 -18.05 -6.09
N HIS A 263 15.61 -16.87 -5.84
CA HIS A 263 15.67 -16.26 -4.51
C HIS A 263 15.12 -17.19 -3.44
N TYR A 264 14.05 -17.88 -3.78
CA TYR A 264 13.37 -18.80 -2.87
C TYR A 264 13.92 -20.23 -2.96
N ASN A 265 14.82 -20.47 -3.92
CA ASN A 265 15.35 -21.83 -4.15
C ASN A 265 14.20 -22.84 -4.34
N THR A 266 13.14 -22.40 -5.03
CA THR A 266 11.90 -23.16 -5.19
C THR A 266 11.27 -22.79 -6.53
N SER A 267 11.00 -23.81 -7.34
CA SER A 267 10.30 -23.63 -8.60
C SER A 267 8.94 -22.95 -8.40
N TYR A 268 8.59 -22.06 -9.32
CA TYR A 268 7.24 -21.48 -9.41
C TYR A 268 6.25 -22.65 -9.39
N PRO A 269 5.31 -22.67 -8.42
CA PRO A 269 4.59 -23.91 -8.19
C PRO A 269 3.34 -24.15 -9.06
N LEU A 270 3.14 -23.37 -10.12
CA LEU A 270 1.96 -23.49 -10.96
C LEU A 270 2.33 -23.58 -12.44
N PRO A 271 1.39 -24.06 -13.30
CA PRO A 271 1.72 -24.17 -14.73
C PRO A 271 1.63 -22.87 -15.49
N LYS A 272 0.94 -21.88 -14.93
CA LYS A 272 0.78 -20.63 -15.63
C LYS A 272 0.62 -19.47 -14.66
N SER A 273 0.80 -18.28 -15.21
CA SER A 273 0.66 -17.04 -14.47
C SER A 273 -0.23 -16.10 -15.27
N ASP A 274 -1.42 -15.82 -14.75
CA ASP A 274 -2.27 -14.79 -15.31
C ASP A 274 -2.27 -13.60 -14.37
N GLN A 275 -2.24 -12.41 -14.95
CA GLN A 275 -2.42 -11.17 -14.20
C GLN A 275 -3.45 -10.36 -14.96
N ILE A 276 -4.41 -9.77 -14.24
CA ILE A 276 -5.52 -9.11 -14.91
C ILE A 276 -5.73 -7.67 -14.40
N ALA A 277 -5.86 -6.75 -15.33
CA ALA A 277 -6.15 -5.34 -15.04
C ALA A 277 -7.65 -5.06 -15.03
N LEU A 278 -8.18 -4.72 -13.85
CA LEU A 278 -9.63 -4.51 -13.70
C LEU A 278 -9.93 -3.02 -13.49
N PRO A 279 -10.88 -2.46 -14.25
CA PRO A 279 -11.15 -1.02 -14.04
C PRO A 279 -11.75 -0.77 -12.65
N ASP A 280 -11.21 0.19 -11.91
CA ASP A 280 -11.77 0.59 -10.58
C ASP A 280 -11.78 -0.51 -9.51
N PHE A 281 -10.74 -1.34 -9.49
CA PHE A 281 -10.58 -2.37 -8.46
C PHE A 281 -9.93 -1.69 -7.27
N ASN A 282 -10.75 -1.35 -6.27
CA ASN A 282 -10.32 -0.52 -5.13
C ASN A 282 -9.44 -1.21 -4.11
N ALA A 283 -9.42 -2.54 -4.12
CA ALA A 283 -8.47 -3.27 -3.28
C ALA A 283 -7.03 -3.09 -3.80
N GLY A 284 -6.88 -2.54 -4.98
CA GLY A 284 -5.58 -2.31 -5.53
C GLY A 284 -4.86 -3.46 -6.19
N ALA A 285 -4.66 -4.55 -5.46
CA ALA A 285 -4.10 -5.77 -5.99
C ALA A 285 -4.34 -6.93 -5.05
N MET A 286 -4.56 -8.11 -5.57
CA MET A 286 -4.76 -9.28 -4.76
C MET A 286 -4.07 -10.51 -5.34
N GLU A 287 -3.30 -11.22 -4.53
CA GLU A 287 -2.35 -12.24 -4.97
C GLU A 287 -2.94 -13.64 -5.25
N ASN A 288 -4.16 -13.71 -5.77
CA ASN A 288 -4.81 -15.03 -6.02
C ASN A 288 -3.83 -15.91 -6.78
N TRP A 289 -3.68 -17.15 -6.32
CA TRP A 289 -2.65 -18.06 -6.77
C TRP A 289 -2.87 -18.42 -8.23
N GLY A 290 -2.08 -17.82 -9.13
CA GLY A 290 -2.19 -18.12 -10.55
C GLY A 290 -3.05 -17.15 -11.32
N LEU A 291 -3.73 -16.24 -10.61
CA LEU A 291 -4.66 -15.30 -11.24
C LEU A 291 -4.75 -14.03 -10.38
N VAL A 292 -3.75 -13.18 -10.56
CA VAL A 292 -3.57 -12.01 -9.72
C VAL A 292 -4.35 -10.87 -10.32
N THR A 293 -5.17 -10.23 -9.50
CA THR A 293 -5.98 -9.11 -9.94
C THR A 293 -5.33 -7.78 -9.56
N TYR A 294 -5.52 -6.78 -10.42
CA TYR A 294 -4.92 -5.46 -10.20
C TYR A 294 -5.93 -4.43 -10.65
N ARG A 295 -5.86 -3.24 -10.07
CA ARG A 295 -6.54 -2.14 -10.70
C ARG A 295 -5.72 -1.73 -11.94
N GLU A 296 -6.40 -1.21 -12.95
CA GLU A 296 -5.76 -0.89 -14.23
C GLU A 296 -4.53 -0.01 -14.11
N ASN A 297 -4.64 1.09 -13.34
CA ASN A 297 -3.51 2.01 -13.18
C ASN A 297 -2.33 1.37 -12.45
N ALA A 298 -2.58 0.19 -11.88
CA ALA A 298 -1.51 -0.53 -11.24
C ALA A 298 -0.82 -1.51 -12.19
N LEU A 299 -1.50 -1.96 -13.24
CA LEU A 299 -0.88 -2.98 -14.08
C LEU A 299 -0.51 -2.45 -15.47
N LEU A 300 -1.33 -1.55 -15.98
CA LEU A 300 -1.15 -1.05 -17.33
C LEU A 300 -0.24 0.17 -17.34
N PHE A 301 0.41 0.37 -18.48
CA PHE A 301 1.33 1.47 -18.61
C PHE A 301 1.27 1.99 -20.03
N ASP A 302 1.10 3.30 -20.16
CA ASP A 302 1.10 3.96 -21.47
C ASP A 302 2.36 4.81 -21.60
N PRO A 303 3.32 4.36 -22.41
CA PRO A 303 4.59 5.10 -22.54
C PRO A 303 4.40 6.60 -22.89
N GLN A 304 3.42 6.90 -23.71
CA GLN A 304 3.19 8.24 -24.21
C GLN A 304 2.57 9.21 -23.20
N SER A 305 1.85 8.67 -22.21
CA SER A 305 1.20 9.56 -21.23
C SER A 305 1.59 9.30 -19.78
N SER A 306 2.25 8.18 -19.49
CA SER A 306 2.61 7.85 -18.10
C SER A 306 4.00 8.32 -17.73
N SER A 307 4.17 8.78 -16.49
CA SER A 307 5.44 9.19 -15.96
C SER A 307 6.24 7.97 -15.51
N ILE A 308 7.51 8.21 -15.21
CA ILE A 308 8.41 7.21 -14.65
C ILE A 308 7.95 6.65 -13.28
N SER A 309 7.35 7.48 -12.42
CA SER A 309 6.90 7.00 -11.10
C SER A 309 5.77 5.99 -11.29
N ASN A 310 4.98 6.23 -12.33
CA ASN A 310 4.00 5.31 -12.84
C ASN A 310 4.62 3.95 -13.22
N LYS A 311 5.72 3.98 -13.95
CA LYS A 311 6.44 2.76 -14.32
C LYS A 311 6.96 2.05 -13.06
N GLU A 312 7.49 2.83 -12.13
CA GLU A 312 8.00 2.26 -10.90
C GLU A 312 6.89 1.57 -10.11
N ARG A 313 5.71 2.18 -10.14
CA ARG A 313 4.57 1.62 -9.44
C ARG A 313 4.13 0.26 -10.06
N VAL A 314 4.16 0.15 -11.39
CA VAL A 314 3.80 -1.10 -12.05
C VAL A 314 4.77 -2.22 -11.71
N VAL A 315 6.06 -1.95 -11.79
CA VAL A 315 7.02 -3.01 -11.61
C VAL A 315 7.08 -3.52 -10.15
N THR A 316 6.91 -2.61 -9.20
CA THR A 316 6.93 -3.00 -7.79
C THR A 316 5.63 -3.68 -7.34
N VAL A 317 4.47 -3.21 -7.79
CA VAL A 317 3.20 -3.88 -7.44
C VAL A 317 3.16 -5.31 -8.02
N ILE A 318 3.68 -5.51 -9.25
CA ILE A 318 3.83 -6.87 -9.81
C ILE A 318 4.78 -7.71 -8.95
N ALA A 319 5.95 -7.18 -8.61
CA ALA A 319 6.90 -7.95 -7.81
C ALA A 319 6.29 -8.37 -6.47
N HIS A 320 5.52 -7.46 -5.87
CA HIS A 320 4.85 -7.73 -4.60
C HIS A 320 3.93 -8.96 -4.70
N GLN A 321 2.99 -8.93 -5.65
CA GLN A 321 2.03 -10.03 -5.75
C GLN A 321 2.73 -11.33 -6.10
N LEU A 322 3.73 -11.25 -6.98
CA LEU A 322 4.42 -12.44 -7.45
C LEU A 322 5.21 -13.04 -6.31
N ALA A 323 5.72 -12.18 -5.42
CA ALA A 323 6.42 -12.65 -4.23
C ALA A 323 5.56 -13.63 -3.45
N HIS A 324 4.26 -13.31 -3.34
CA HIS A 324 3.31 -14.11 -2.57
C HIS A 324 3.08 -15.50 -3.15
N GLN A 325 3.36 -15.69 -4.45
CA GLN A 325 3.05 -16.97 -5.11
C GLN A 325 3.84 -18.10 -4.46
N TRP A 326 4.89 -17.71 -3.74
CA TRP A 326 5.56 -18.62 -2.83
C TRP A 326 5.26 -18.25 -1.37
N PHE A 327 5.63 -17.04 -0.97
CA PHE A 327 5.56 -16.69 0.44
C PHE A 327 4.18 -16.12 0.72
N GLY A 328 3.33 -16.94 1.31
CA GLY A 328 1.92 -16.63 1.51
C GLY A 328 0.96 -17.64 0.89
N ASN A 329 1.22 -18.01 -0.37
CA ASN A 329 0.35 -18.92 -1.14
C ASN A 329 0.84 -20.38 -1.04
N LEU A 330 2.14 -20.60 -1.26
CA LEU A 330 2.70 -21.95 -1.12
C LEU A 330 2.82 -22.33 0.37
N VAL A 331 3.38 -21.41 1.14
CA VAL A 331 3.41 -21.55 2.58
C VAL A 331 2.58 -20.42 3.15
N THR A 332 1.54 -20.80 3.89
CA THR A 332 0.51 -19.85 4.35
C THR A 332 0.52 -19.70 5.86
N LEU A 333 0.47 -18.47 6.33
CA LEU A 333 0.38 -18.23 7.76
C LEU A 333 -0.95 -18.74 8.27
N ALA A 334 -0.90 -19.45 9.39
CA ALA A 334 -2.04 -20.23 9.86
C ALA A 334 -3.21 -19.38 10.26
N TRP A 335 -2.96 -18.14 10.67
CA TRP A 335 -4.05 -17.26 11.09
C TRP A 335 -3.73 -15.80 10.83
N TRP A 336 -4.79 -15.00 10.73
CA TRP A 336 -4.73 -13.58 10.36
C TRP A 336 -3.91 -12.70 11.30
N ASN A 337 -3.71 -13.16 12.54
CA ASN A 337 -2.86 -12.40 13.46
C ASN A 337 -1.40 -12.31 13.01
N ASP A 338 -0.97 -13.23 12.14
CA ASP A 338 0.37 -13.22 11.56
C ASP A 338 0.40 -12.61 10.16
N LEU A 339 -0.69 -11.95 9.75
CA LEU A 339 -0.74 -11.27 8.45
C LEU A 339 0.49 -10.39 8.19
N TRP A 340 0.95 -9.69 9.23
CA TRP A 340 2.15 -8.85 9.11
C TRP A 340 3.35 -9.57 8.48
N LEU A 341 3.55 -10.83 8.83
CA LEU A 341 4.68 -11.55 8.26
C LEU A 341 4.52 -11.73 6.74
N ASN A 342 3.29 -12.05 6.33
CA ASN A 342 3.03 -12.27 4.92
C ASN A 342 3.11 -10.98 4.13
N GLU A 343 2.37 -9.95 4.56
CA GLU A 343 2.38 -8.68 3.83
C GLU A 343 3.66 -7.90 4.05
N GLY A 344 4.25 -8.03 5.24
CA GLY A 344 5.55 -7.39 5.51
C GLY A 344 6.62 -7.98 4.62
N PHE A 345 6.65 -9.31 4.52
CA PHE A 345 7.64 -9.95 3.64
C PHE A 345 7.52 -9.50 2.17
N ALA A 346 6.32 -9.59 1.60
CA ALA A 346 6.11 -9.13 0.21
C ALA A 346 6.44 -7.65 0.06
N SER A 347 6.11 -6.84 1.07
CA SER A 347 6.36 -5.40 0.99
C SER A 347 7.86 -5.09 0.99
N TYR A 348 8.66 -5.98 1.56
CA TYR A 348 10.11 -5.88 1.49
C TYR A 348 10.62 -6.41 0.15
N VAL A 349 10.32 -7.67 -0.15
CA VAL A 349 10.95 -8.29 -1.35
C VAL A 349 10.43 -7.78 -2.68
N GLU A 350 9.33 -7.04 -2.66
CA GLU A 350 8.87 -6.42 -3.91
C GLU A 350 9.98 -5.57 -4.54
N TYR A 351 10.78 -4.90 -3.68
CA TYR A 351 11.93 -4.11 -4.17
C TYR A 351 13.05 -4.96 -4.78
N LEU A 352 13.31 -6.12 -4.17
CA LEU A 352 14.31 -7.07 -4.68
C LEU A 352 13.87 -7.61 -6.05
N GLY A 353 12.64 -8.13 -6.13
CA GLY A 353 12.09 -8.59 -7.41
C GLY A 353 12.10 -7.50 -8.48
N ALA A 354 11.63 -6.32 -8.12
CA ALA A 354 11.57 -5.23 -9.08
C ALA A 354 12.98 -4.78 -9.52
N ASP A 355 13.92 -4.83 -8.57
CA ASP A 355 15.32 -4.48 -8.85
C ASP A 355 15.89 -5.43 -9.91
N HIS A 356 15.54 -6.70 -9.82
CA HIS A 356 15.96 -7.64 -10.84
C HIS A 356 15.46 -7.25 -12.24
N ALA A 357 14.22 -6.79 -12.32
CA ALA A 357 13.64 -6.39 -13.62
C ALA A 357 14.20 -5.07 -14.14
N GLU A 358 14.54 -4.15 -13.23
CA GLU A 358 15.04 -2.82 -13.57
C GLU A 358 16.31 -2.55 -12.77
N PRO A 359 17.41 -3.25 -13.09
CA PRO A 359 18.60 -3.20 -12.24
C PRO A 359 19.41 -1.89 -12.29
N THR A 360 19.10 -0.98 -13.22
CA THR A 360 19.79 0.31 -13.26
C THR A 360 19.13 1.33 -12.33
N TRP A 361 17.97 0.98 -11.77
CA TRP A 361 17.14 1.98 -11.08
C TRP A 361 17.41 2.15 -9.58
N ASN A 362 18.22 1.28 -8.99
CA ASN A 362 18.46 1.34 -7.55
C ASN A 362 17.18 1.29 -6.69
N LEU A 363 16.19 0.54 -7.15
CA LEU A 363 14.88 0.46 -6.51
C LEU A 363 14.90 0.10 -5.05
N LYS A 364 15.86 -0.67 -4.62
CA LYS A 364 15.91 -1.08 -3.24
C LYS A 364 16.01 0.07 -2.27
N ASP A 365 16.56 1.18 -2.72
CA ASP A 365 16.67 2.35 -1.85
C ASP A 365 15.29 2.85 -1.43
N LEU A 366 14.30 2.69 -2.31
CA LEU A 366 13.00 3.34 -2.13
C LEU A 366 12.20 2.84 -0.92
N ILE A 367 12.59 1.71 -0.35
CA ILE A 367 11.93 1.22 0.86
C ILE A 367 12.12 2.19 2.04
N VAL A 368 13.19 2.98 2.01
CA VAL A 368 13.48 3.91 3.10
C VAL A 368 12.47 5.05 3.13
N PRO A 369 12.35 5.85 2.05
CA PRO A 369 11.28 6.86 2.10
C PRO A 369 9.89 6.23 2.07
N GLY A 370 9.74 5.16 1.30
CA GLY A 370 8.43 4.56 1.01
C GLY A 370 7.81 3.76 2.14
N ASP A 371 8.64 3.11 2.95
CA ASP A 371 8.10 2.29 4.04
C ASP A 371 8.66 2.67 5.41
N VAL A 372 9.98 2.78 5.52
CA VAL A 372 10.60 3.02 6.83
C VAL A 372 10.12 4.35 7.43
N TYR A 373 10.41 5.46 6.75
CA TYR A 373 10.04 6.74 7.34
C TYR A 373 8.55 6.97 7.35
N ARG A 374 7.87 6.43 6.34
CA ARG A 374 6.43 6.46 6.31
C ARG A 374 5.83 5.85 7.58
N VAL A 375 6.22 4.62 7.91
CA VAL A 375 5.60 3.96 9.05
C VAL A 375 6.09 4.50 10.41
N MET A 376 7.31 5.04 10.44
CA MET A 376 7.85 5.65 11.66
C MET A 376 6.98 6.82 12.14
N ALA A 377 6.39 7.58 11.22
CA ALA A 377 5.42 8.62 11.58
C ALA A 377 4.30 8.10 12.49
N VAL A 378 3.76 6.90 12.21
CA VAL A 378 2.64 6.37 13.02
C VAL A 378 3.11 5.46 14.18
N ASP A 379 4.30 4.89 14.06
CA ASP A 379 4.84 4.00 15.09
C ASP A 379 5.51 4.78 16.22
N ALA A 380 5.68 6.08 16.01
CA ALA A 380 6.26 6.98 17.00
C ALA A 380 5.13 7.71 17.73
N LEU A 381 3.97 7.05 17.78
CA LEU A 381 2.80 7.53 18.50
C LEU A 381 2.50 6.59 19.65
N ALA A 382 1.95 7.14 20.72
CA ALA A 382 1.45 6.36 21.86
C ALA A 382 0.30 5.41 21.49
N SER A 383 -0.41 5.75 20.42
CA SER A 383 -1.55 4.96 19.94
C SER A 383 -1.15 3.88 18.92
N SER A 384 0.14 3.60 18.76
CA SER A 384 0.58 2.52 17.86
C SER A 384 0.26 1.14 18.44
N HIS A 385 0.72 0.09 17.78
CA HIS A 385 0.53 -1.27 18.28
C HIS A 385 1.64 -2.19 17.78
N PRO A 386 1.91 -3.28 18.50
CA PRO A 386 2.92 -4.24 18.07
C PRO A 386 2.54 -4.96 16.78
N LEU A 387 3.54 -5.41 16.02
CA LEU A 387 3.30 -6.27 14.84
C LEU A 387 2.48 -7.48 15.21
N THR A 388 2.87 -8.13 16.30
CA THR A 388 2.22 -9.31 16.85
C THR A 388 0.90 -8.99 17.55
N THR A 389 -0.10 -9.85 17.38
CA THR A 389 -1.37 -9.82 18.13
C THR A 389 -1.63 -11.26 18.52
N PRO A 390 -2.06 -11.50 19.76
CA PRO A 390 -2.41 -12.88 20.10
C PRO A 390 -3.51 -13.40 19.16
N ALA A 391 -3.37 -14.65 18.69
CA ALA A 391 -4.33 -15.23 17.76
C ALA A 391 -5.77 -15.16 18.31
N GLU A 392 -5.88 -15.34 19.62
CA GLU A 392 -7.18 -15.44 20.27
C GLU A 392 -7.87 -14.09 20.42
N GLU A 393 -7.19 -13.02 20.04
CA GLU A 393 -7.82 -11.70 19.98
C GLU A 393 -8.29 -11.33 18.59
N VAL A 394 -7.99 -12.19 17.60
CA VAL A 394 -8.40 -11.90 16.22
C VAL A 394 -9.43 -12.95 15.81
N ASN A 395 -10.71 -12.56 15.84
CA ASN A 395 -11.77 -13.53 15.62
C ASN A 395 -12.77 -13.20 14.55
N THR A 396 -13.23 -11.95 14.52
CA THR A 396 -14.33 -11.57 13.67
C THR A 396 -13.77 -11.06 12.35
N PRO A 397 -14.60 -11.04 11.29
CA PRO A 397 -14.16 -10.49 10.03
C PRO A 397 -13.66 -9.06 10.18
N ALA A 398 -14.28 -8.24 11.04
CA ALA A 398 -13.81 -6.87 11.24
C ALA A 398 -12.45 -6.86 11.93
N GLN A 399 -12.23 -7.76 12.88
CA GLN A 399 -10.91 -7.83 13.56
C GLN A 399 -9.80 -8.27 12.58
N ILE A 400 -10.14 -9.21 11.70
CA ILE A 400 -9.24 -9.67 10.67
C ILE A 400 -8.87 -8.51 9.75
N SER A 401 -9.87 -7.75 9.29
CA SER A 401 -9.62 -6.57 8.44
C SER A 401 -8.68 -5.55 9.05
N GLU A 402 -8.75 -5.38 10.36
CA GLU A 402 -7.88 -4.43 11.05
C GLU A 402 -6.40 -4.83 11.00
N MET A 403 -6.09 -6.08 10.64
CA MET A 403 -4.70 -6.54 10.49
C MET A 403 -3.99 -5.88 9.31
N PHE A 404 -4.77 -5.37 8.37
CA PHE A 404 -4.22 -4.88 7.11
C PHE A 404 -3.97 -3.41 7.26
N ASP A 405 -2.87 -3.06 7.90
CA ASP A 405 -2.59 -1.66 8.07
C ASP A 405 -1.12 -1.35 7.81
N SER A 406 -0.77 -0.10 8.03
CA SER A 406 0.54 0.46 7.76
C SER A 406 1.63 -0.25 8.56
N ILE A 407 1.32 -0.55 9.83
CA ILE A 407 2.24 -1.27 10.70
C ILE A 407 2.52 -2.64 10.07
N SER A 408 1.47 -3.38 9.76
CA SER A 408 1.64 -4.73 9.22
C SER A 408 2.50 -4.72 7.95
N TYR A 409 2.18 -3.85 7.03
CA TYR A 409 2.85 -3.81 5.76
C TYR A 409 4.24 -3.20 5.86
N SER A 410 4.27 -1.93 6.24
CA SER A 410 5.51 -1.14 6.16
C SER A 410 6.49 -1.38 7.31
N LYS A 411 6.00 -1.55 8.53
CA LYS A 411 6.90 -1.92 9.64
C LYS A 411 7.30 -3.38 9.50
N GLY A 412 6.34 -4.23 9.10
CA GLY A 412 6.66 -5.60 8.72
C GLY A 412 7.82 -5.64 7.73
N ALA A 413 7.72 -4.85 6.65
CA ALA A 413 8.80 -4.80 5.66
C ALA A 413 10.12 -4.32 6.29
N SER A 414 10.04 -3.29 7.13
CA SER A 414 11.25 -2.65 7.67
C SER A 414 12.00 -3.61 8.57
N VAL A 415 11.26 -4.31 9.40
CA VAL A 415 11.79 -5.21 10.39
C VAL A 415 12.40 -6.46 9.73
N ILE A 416 11.74 -6.98 8.70
CA ILE A 416 12.24 -8.14 7.97
C ILE A 416 13.53 -7.76 7.22
N ARG A 417 13.54 -6.58 6.59
CA ARG A 417 14.73 -6.08 5.93
C ARG A 417 15.90 -5.93 6.91
N MET A 418 15.60 -5.44 8.11
CA MET A 418 16.61 -5.33 9.16
C MET A 418 17.19 -6.71 9.48
N LEU A 419 16.31 -7.70 9.61
CA LEU A 419 16.65 -9.08 9.89
C LEU A 419 17.55 -9.69 8.81
N SER A 420 17.17 -9.51 7.55
CA SER A 420 17.97 -10.02 6.45
C SER A 420 19.37 -9.38 6.43
N ASN A 421 19.43 -8.08 6.68
CA ASN A 421 20.70 -7.36 6.75
C ASN A 421 21.63 -7.80 7.87
N PHE A 422 21.10 -8.01 9.07
CA PHE A 422 21.98 -8.44 10.17
C PHE A 422 22.34 -9.93 10.12
N LEU A 423 21.55 -10.73 9.40
CA LEU A 423 21.90 -12.11 9.16
C LEU A 423 22.82 -12.25 7.95
N THR A 424 22.82 -11.23 7.11
CA THR A 424 23.28 -11.28 5.70
C THR A 424 22.26 -12.02 4.84
N GLU A 425 22.12 -11.52 3.61
CA GLU A 425 21.12 -12.04 2.71
C GLU A 425 21.31 -13.51 2.38
N ASP A 426 22.56 -13.95 2.17
CA ASP A 426 22.83 -15.36 1.87
C ASP A 426 22.31 -16.27 2.94
N LEU A 427 22.57 -15.89 4.19
CA LEU A 427 22.13 -16.66 5.34
C LEU A 427 20.60 -16.61 5.50
N PHE A 428 20.02 -15.43 5.30
CA PHE A 428 18.57 -15.25 5.31
C PHE A 428 17.90 -16.13 4.25
N LYS A 429 18.43 -16.09 3.03
CA LYS A 429 17.90 -16.92 1.93
C LYS A 429 17.97 -18.41 2.24
N GLU A 430 19.00 -18.84 2.96
CA GLU A 430 19.13 -20.26 3.31
C GLU A 430 18.03 -20.71 4.28
N GLY A 431 17.79 -19.89 5.32
CA GLY A 431 16.71 -20.19 6.26
C GLY A 431 15.35 -20.13 5.58
N LEU A 432 15.20 -19.16 4.67
CA LEU A 432 13.96 -18.95 3.92
C LEU A 432 13.61 -20.15 3.04
N ALA A 433 14.60 -20.65 2.29
CA ALA A 433 14.44 -21.88 1.47
C ALA A 433 14.07 -23.09 2.33
N SER A 434 14.75 -23.22 3.47
CA SER A 434 14.50 -24.32 4.38
C SER A 434 13.05 -24.27 4.92
N TYR A 435 12.61 -23.06 5.27
CA TYR A 435 11.25 -22.82 5.74
C TYR A 435 10.23 -23.19 4.65
N LEU A 436 10.43 -22.68 3.44
CA LEU A 436 9.52 -22.99 2.32
C LEU A 436 9.45 -24.47 1.99
N HIS A 437 10.61 -25.14 1.97
CA HIS A 437 10.61 -26.56 1.62
C HIS A 437 9.97 -27.40 2.70
N ALA A 438 10.17 -27.04 3.96
CA ALA A 438 9.59 -27.80 5.07
C ALA A 438 8.08 -27.64 5.16
N PHE A 439 7.57 -26.47 4.79
CA PHE A 439 6.16 -26.20 5.01
C PHE A 439 5.32 -26.05 3.73
N ALA A 440 5.89 -26.38 2.57
CA ALA A 440 5.17 -26.31 1.30
C ALA A 440 3.77 -26.93 1.38
N TYR A 441 2.76 -26.20 0.89
CA TYR A 441 1.35 -26.64 0.88
C TYR A 441 0.76 -26.76 2.28
N GLN A 442 1.44 -26.16 3.26
CA GLN A 442 0.96 -26.20 4.64
C GLN A 442 0.88 -24.79 5.22
N ASN A 443 0.84 -24.71 6.53
CA ASN A 443 0.69 -23.48 7.25
C ASN A 443 1.69 -23.30 8.38
N THR A 444 1.95 -22.06 8.76
CA THR A 444 3.02 -21.75 9.69
C THR A 444 2.62 -20.63 10.65
N THR A 445 3.43 -20.41 11.67
CA THR A 445 3.44 -19.13 12.37
C THR A 445 4.80 -18.48 12.16
N TYR A 446 4.93 -17.22 12.57
CA TYR A 446 6.21 -16.51 12.44
C TYR A 446 7.35 -17.23 13.19
N LEU A 447 7.02 -17.96 14.25
CA LEU A 447 8.03 -18.73 15.00
C LEU A 447 8.67 -19.80 14.14
N ASP A 448 7.94 -20.30 13.13
CA ASP A 448 8.51 -21.28 12.21
C ASP A 448 9.58 -20.67 11.34
N LEU A 449 9.39 -19.43 10.89
CA LEU A 449 10.44 -18.79 10.11
C LEU A 449 11.66 -18.53 10.98
N TRP A 450 11.47 -18.06 12.21
CA TRP A 450 12.60 -17.78 13.08
C TRP A 450 13.42 -19.05 13.33
N GLU A 451 12.71 -20.17 13.53
CA GLU A 451 13.32 -21.47 13.78
C GLU A 451 14.20 -21.87 12.60
N HIS A 452 13.71 -21.66 11.39
CA HIS A 452 14.47 -22.03 10.20
C HIS A 452 15.64 -21.10 9.95
N LEU A 453 15.45 -19.82 10.25
CA LEU A 453 16.56 -18.88 10.22
C LEU A 453 17.63 -19.22 11.29
N GLN A 454 17.19 -19.62 12.47
CA GLN A 454 18.10 -20.03 13.55
C GLN A 454 18.90 -21.28 13.14
N LYS A 455 18.23 -22.21 12.48
CA LYS A 455 18.91 -23.40 11.93
C LYS A 455 20.03 -22.96 11.01
N ALA A 456 19.77 -21.99 10.12
CA ALA A 456 20.83 -21.50 9.21
C ALA A 456 21.97 -20.80 9.98
N VAL A 457 21.62 -20.03 11.00
CA VAL A 457 22.62 -19.38 11.83
C VAL A 457 23.52 -20.41 12.53
N ASP A 458 22.89 -21.44 13.10
CA ASP A 458 23.57 -22.48 13.85
C ASP A 458 24.46 -23.36 12.96
N ALA A 459 24.18 -23.40 11.65
CA ALA A 459 24.96 -24.23 10.73
C ALA A 459 26.17 -23.48 10.13
N GLN A 460 26.48 -22.30 10.65
CA GLN A 460 27.65 -21.57 10.19
C GLN A 460 28.33 -20.84 11.35
N THR A 461 29.49 -20.23 11.08
CA THR A 461 30.37 -19.72 12.14
C THR A 461 30.78 -18.27 11.92
N SER A 462 30.38 -17.70 10.79
CA SER A 462 30.82 -16.37 10.43
C SER A 462 29.97 -15.29 11.14
N ILE A 463 28.65 -15.40 11.00
CA ILE A 463 27.73 -14.47 11.63
C ILE A 463 27.41 -14.90 13.07
N ARG A 464 27.72 -14.03 14.03
CA ARG A 464 27.44 -14.30 15.44
C ARG A 464 26.46 -13.27 15.97
N LEU A 465 25.50 -13.72 16.75
CA LEU A 465 24.43 -12.86 17.22
C LEU A 465 24.48 -12.75 18.74
N PRO A 466 24.01 -11.64 19.30
CA PRO A 466 24.05 -11.48 20.76
C PRO A 466 23.00 -12.34 21.47
N ASP A 467 22.06 -12.91 20.71
CA ASP A 467 21.04 -13.78 21.27
C ASP A 467 20.44 -14.57 20.09
N THR A 468 19.43 -15.38 20.38
CA THR A 468 18.73 -16.14 19.33
C THR A 468 17.98 -15.18 18.42
N VAL A 469 17.75 -15.61 17.18
CA VAL A 469 16.92 -14.88 16.23
C VAL A 469 15.58 -14.51 16.89
N ARG A 470 14.96 -15.46 17.56
CA ARG A 470 13.66 -15.22 18.17
C ARG A 470 13.72 -14.13 19.24
N ALA A 471 14.69 -14.23 20.15
CA ALA A 471 14.85 -13.24 21.22
C ALA A 471 15.07 -11.85 20.66
N ILE A 472 15.88 -11.75 19.61
CA ILE A 472 16.10 -10.45 18.99
C ILE A 472 14.80 -9.91 18.38
N MET A 473 14.16 -10.72 17.54
CA MET A 473 12.96 -10.31 16.83
C MET A 473 11.78 -10.03 17.76
N ASP A 474 11.72 -10.77 18.87
CA ASP A 474 10.70 -10.51 19.90
C ASP A 474 10.70 -9.05 20.33
N ARG A 475 11.87 -8.42 20.37
CA ARG A 475 11.97 -7.01 20.75
C ARG A 475 11.29 -6.12 19.70
N TRP A 476 11.27 -6.57 18.45
CA TRP A 476 10.76 -5.75 17.34
C TRP A 476 9.33 -6.06 16.95
N THR A 477 8.81 -7.18 17.47
CA THR A 477 7.48 -7.69 17.13
C THR A 477 6.50 -7.75 18.32
N LEU A 478 6.98 -7.97 19.55
CA LEU A 478 6.08 -8.07 20.71
C LEU A 478 5.77 -6.71 21.36
N GLN A 479 6.53 -5.68 21.04
CA GLN A 479 6.25 -4.38 21.61
C GLN A 479 6.16 -3.41 20.46
N MET A 480 5.39 -2.34 20.65
CA MET A 480 5.24 -1.34 19.62
C MET A 480 6.43 -0.40 19.59
N GLY A 481 6.49 0.42 18.54
CA GLY A 481 7.42 1.53 18.48
C GLY A 481 8.84 1.15 18.13
N PHE A 482 9.74 2.12 18.27
CA PHE A 482 11.15 1.93 17.97
C PHE A 482 11.97 2.93 18.80
N PRO A 483 13.27 2.67 18.96
CA PRO A 483 14.09 3.56 19.79
C PRO A 483 14.72 4.70 19.00
N VAL A 484 14.95 5.82 19.67
CA VAL A 484 15.96 6.75 19.18
C VAL A 484 17.28 6.33 19.84
N ILE A 485 18.32 6.24 19.02
CA ILE A 485 19.66 5.92 19.49
C ILE A 485 20.44 7.22 19.54
N THR A 486 20.90 7.59 20.74
CA THR A 486 21.60 8.86 20.92
C THR A 486 23.07 8.61 21.22
N VAL A 487 23.94 9.26 20.48
CA VAL A 487 25.39 9.12 20.67
C VAL A 487 26.02 10.43 21.17
N ASP A 488 26.84 10.33 22.21
CA ASP A 488 27.74 11.41 22.65
C ASP A 488 29.13 11.01 22.17
N THR A 489 29.59 11.65 21.10
CA THR A 489 30.83 11.26 20.43
C THR A 489 32.11 11.65 21.20
N LYS A 490 31.96 12.43 22.27
CA LYS A 490 33.11 12.78 23.09
C LYS A 490 33.47 11.65 24.03
N THR A 491 32.48 10.86 24.42
CA THR A 491 32.67 9.72 25.32
C THR A 491 32.50 8.37 24.64
N GLY A 492 31.77 8.35 23.53
CA GLY A 492 31.35 7.08 22.91
C GLY A 492 30.19 6.42 23.65
N ASN A 493 29.57 7.17 24.56
CA ASN A 493 28.36 6.73 25.24
C ASN A 493 27.21 6.67 24.24
N ILE A 494 26.38 5.64 24.37
CA ILE A 494 25.30 5.38 23.42
C ILE A 494 24.08 4.95 24.22
N SER A 495 22.95 5.59 23.95
CA SER A 495 21.73 5.24 24.66
C SER A 495 20.57 4.97 23.72
N GLN A 496 19.58 4.26 24.25
CA GLN A 496 18.35 4.00 23.52
C GLN A 496 17.16 4.39 24.38
N LYS A 497 16.15 4.97 23.75
CA LYS A 497 14.85 5.09 24.38
C LYS A 497 13.70 5.15 23.37
N HIS A 498 12.54 4.70 23.82
CA HIS A 498 11.33 4.68 23.00
C HIS A 498 11.08 6.04 22.41
N PHE A 499 11.10 6.14 21.09
CA PHE A 499 10.93 7.43 20.43
C PHE A 499 9.47 7.81 20.19
N LEU A 500 9.06 8.92 20.78
CA LEU A 500 7.75 9.50 20.51
C LEU A 500 7.91 10.92 19.97
N LEU A 501 7.16 11.24 18.91
CA LEU A 501 7.20 12.56 18.30
C LEU A 501 6.71 13.65 19.27
N ASP A 502 5.75 13.26 20.12
CA ASP A 502 5.19 14.12 21.14
C ASP A 502 5.89 13.84 22.47
N SER A 503 6.87 14.68 22.82
CA SER A 503 7.62 14.57 24.09
C SER A 503 6.76 14.63 25.36
N GLU A 504 5.50 15.05 25.22
CA GLU A 504 4.57 15.10 26.36
C GLU A 504 3.53 13.98 26.35
N SER A 505 3.68 13.04 25.41
CA SER A 505 2.78 11.88 25.32
C SER A 505 2.90 10.89 26.46
N ASN A 506 1.75 10.40 26.93
CA ASN A 506 1.69 9.31 27.89
C ASN A 506 1.51 7.96 27.18
N VAL A 507 2.54 7.11 27.28
CA VAL A 507 2.45 5.73 26.79
C VAL A 507 1.79 4.88 27.87
N THR A 508 0.65 4.28 27.56
CA THR A 508 -0.06 3.44 28.51
C THR A 508 -0.02 1.94 28.14
N ARG A 509 0.32 1.62 26.89
CA ARG A 509 0.55 0.22 26.53
C ARG A 509 1.87 -0.25 27.14
N SER A 510 1.78 -1.30 27.96
CA SER A 510 2.97 -1.79 28.64
C SER A 510 3.75 -2.73 27.72
N SER A 511 5.08 -2.75 27.89
CA SER A 511 5.93 -3.69 27.16
C SER A 511 6.54 -4.70 28.12
N ALA A 512 6.57 -5.96 27.70
CA ALA A 512 7.24 -7.00 28.47
C ALA A 512 8.74 -6.70 28.61
N PHE A 513 9.23 -5.77 27.79
CA PHE A 513 10.65 -5.46 27.73
C PHE A 513 11.00 -4.06 28.23
N ASP A 514 10.01 -3.36 28.77
CA ASP A 514 10.19 -1.97 29.21
C ASP A 514 10.70 -1.05 28.09
N TYR A 515 10.26 -1.31 26.85
CA TYR A 515 10.68 -0.50 25.70
C TYR A 515 12.20 -0.36 25.58
N LEU A 516 12.84 -1.52 25.71
CA LEU A 516 14.24 -1.69 25.38
C LEU A 516 14.35 -2.69 24.25
N TRP A 517 15.24 -2.41 23.31
CA TRP A 517 15.44 -3.28 22.16
C TRP A 517 16.86 -3.85 22.13
N ILE A 518 17.05 -4.87 21.30
CA ILE A 518 18.38 -5.37 20.95
C ILE A 518 18.61 -4.89 19.53
N VAL A 519 19.59 -4.00 19.38
CA VAL A 519 19.67 -3.16 18.19
C VAL A 519 20.93 -3.37 17.37
N PRO A 520 20.78 -3.72 16.07
CA PRO A 520 21.96 -3.86 15.21
C PRO A 520 22.38 -2.50 14.67
N ILE A 521 23.64 -2.15 14.89
CA ILE A 521 24.12 -0.81 14.64
C ILE A 521 25.37 -0.84 13.77
N SER A 522 25.18 -0.54 12.49
CA SER A 522 26.30 -0.32 11.59
C SER A 522 26.72 1.13 11.75
N SER A 523 27.97 1.43 11.42
CA SER A 523 28.46 2.81 11.50
C SER A 523 29.53 3.06 10.48
N ILE A 524 29.66 4.33 10.12
CA ILE A 524 30.68 4.80 9.21
C ILE A 524 31.42 5.92 9.95
N LYS A 525 32.75 5.86 9.91
CA LYS A 525 33.57 6.91 10.54
C LYS A 525 34.47 7.54 9.48
N ASN A 526 34.32 8.85 9.29
CA ASN A 526 35.04 9.59 8.24
C ASN A 526 34.93 8.94 6.86
N GLY A 527 33.76 8.37 6.58
CA GLY A 527 33.50 7.74 5.28
C GLY A 527 34.00 6.31 5.15
N VAL A 528 34.47 5.73 6.24
CA VAL A 528 34.98 4.36 6.27
C VAL A 528 34.10 3.49 7.16
N MET A 529 33.62 2.37 6.62
CA MET A 529 32.80 1.42 7.38
C MET A 529 33.54 0.95 8.62
N GLN A 530 32.85 0.88 9.74
CA GLN A 530 33.43 0.37 10.98
C GLN A 530 32.90 -1.03 11.22
N ASP A 531 33.44 -1.67 12.24
CA ASP A 531 32.94 -2.96 12.70
C ASP A 531 31.51 -2.80 13.18
N HIS A 532 30.70 -3.83 12.94
CA HIS A 532 29.30 -3.84 13.35
C HIS A 532 29.18 -3.98 14.86
N TYR A 533 28.13 -3.38 15.42
CA TYR A 533 27.91 -3.38 16.86
C TYR A 533 26.47 -3.75 17.18
N TRP A 534 26.29 -4.44 18.30
CA TRP A 534 24.95 -4.68 18.83
C TRP A 534 24.75 -3.97 20.17
N LEU A 535 23.78 -3.06 20.22
CA LEU A 535 23.32 -2.55 21.49
C LEU A 535 22.40 -3.58 22.15
N ARG A 536 22.80 -4.06 23.33
CA ARG A 536 21.99 -5.05 24.05
C ARG A 536 20.82 -4.40 24.77
N ASP A 537 19.99 -5.20 25.45
CA ASP A 537 18.82 -4.64 26.12
C ASP A 537 19.21 -3.83 27.35
N VAL A 538 19.94 -2.74 27.12
CA VAL A 538 20.30 -1.79 28.16
C VAL A 538 20.01 -0.37 27.67
N SER A 539 19.69 0.52 28.62
CA SER A 539 19.47 1.95 28.36
C SER A 539 20.69 2.69 27.88
N GLN A 540 21.85 2.36 28.45
CA GLN A 540 23.11 3.00 28.08
C GLN A 540 24.23 1.99 27.97
N ALA A 541 25.15 2.25 27.04
CA ALA A 541 26.38 1.50 26.91
C ALA A 541 27.49 2.44 26.46
N GLN A 542 28.68 1.91 26.22
CA GLN A 542 29.78 2.72 25.74
C GLN A 542 30.62 1.87 24.81
N ASN A 543 31.03 2.47 23.70
CA ASN A 543 32.00 1.82 22.83
C ASN A 543 32.81 2.85 22.07
N ASP A 544 34.10 2.57 21.91
CA ASP A 544 35.03 3.46 21.22
C ASP A 544 34.70 3.63 19.73
N LEU A 545 33.95 2.70 19.16
CA LEU A 545 33.44 2.88 17.79
C LEU A 545 32.70 4.21 17.64
N PHE A 546 32.07 4.68 18.72
CA PHE A 546 31.24 5.90 18.68
C PHE A 546 31.90 7.10 19.35
N LYS A 547 33.18 6.96 19.67
CA LYS A 547 33.98 8.04 20.24
C LYS A 547 34.85 8.67 19.15
N THR A 548 34.82 10.00 19.04
CA THR A 548 35.57 10.70 17.98
C THR A 548 36.54 11.75 18.52
N ALA A 549 37.56 12.08 17.72
CA ALA A 549 38.31 13.31 17.87
C ALA A 549 37.51 14.42 17.18
N SER A 550 37.73 15.67 17.56
CA SER A 550 36.87 16.76 17.08
C SER A 550 37.06 17.16 15.60
N ASP A 551 38.00 16.50 14.92
CA ASP A 551 38.12 16.59 13.47
C ASP A 551 37.56 15.35 12.77
N ASP A 552 37.12 14.37 13.57
CA ASP A 552 36.48 13.16 13.06
C ASP A 552 34.97 13.25 13.14
N TRP A 553 34.27 12.43 12.36
CA TRP A 553 32.83 12.27 12.53
C TRP A 553 32.42 10.80 12.41
N VAL A 554 31.33 10.46 13.07
CA VAL A 554 30.76 9.13 12.99
C VAL A 554 29.26 9.24 12.67
N LEU A 555 28.75 8.25 11.97
CA LEU A 555 27.37 8.23 11.51
C LEU A 555 26.88 6.80 11.60
N LEU A 556 25.79 6.60 12.33
CA LEU A 556 25.22 5.27 12.59
C LEU A 556 24.09 4.90 11.63
N ASN A 557 23.83 3.59 11.54
CA ASN A 557 22.73 3.04 10.74
C ASN A 557 22.88 3.30 9.25
N VAL A 558 23.89 2.64 8.68
CA VAL A 558 24.25 2.82 7.30
C VAL A 558 23.07 2.35 6.45
N ASN A 559 22.63 3.22 5.56
CA ASN A 559 21.51 2.93 4.67
C ASN A 559 20.17 2.72 5.37
N VAL A 560 20.11 3.10 6.64
CA VAL A 560 18.89 2.93 7.45
C VAL A 560 18.32 1.51 7.30
N THR A 561 19.19 0.51 7.45
CA THR A 561 18.77 -0.88 7.48
C THR A 561 18.12 -1.20 8.83
N GLY A 562 18.51 -0.49 9.89
CA GLY A 562 17.93 -0.71 11.22
C GLY A 562 16.71 0.17 11.44
N TYR A 563 15.71 -0.39 12.13
CA TYR A 563 14.44 0.30 12.35
C TYR A 563 14.55 1.21 13.58
N PHE A 564 15.32 2.28 13.41
CA PHE A 564 15.53 3.27 14.48
C PHE A 564 16.02 4.58 13.89
N GLN A 565 15.95 5.64 14.69
CA GLN A 565 16.47 6.94 14.32
C GLN A 565 17.64 7.28 15.24
N VAL A 566 18.50 8.20 14.80
CA VAL A 566 19.77 8.43 15.47
C VAL A 566 19.93 9.91 15.82
N ASN A 567 20.29 10.18 17.07
CA ASN A 567 20.70 11.53 17.49
C ASN A 567 22.15 11.56 17.94
N TYR A 568 22.79 12.70 17.71
CA TYR A 568 24.18 12.95 18.13
C TYR A 568 24.28 14.22 18.97
N ASP A 569 25.38 14.35 19.71
CA ASP A 569 25.77 15.62 20.29
C ASP A 569 25.96 16.63 19.17
N GLU A 570 25.81 17.91 19.49
CA GLU A 570 25.83 19.01 18.52
C GLU A 570 27.12 19.13 17.72
N ASP A 571 28.26 18.77 18.32
CA ASP A 571 29.56 18.83 17.64
C ASP A 571 29.66 17.85 16.48
N ASN A 572 29.19 16.61 16.71
CA ASN A 572 29.17 15.61 15.64
C ASN A 572 28.23 16.00 14.50
N TRP A 573 27.06 16.51 14.85
CA TRP A 573 26.13 17.09 13.87
C TRP A 573 26.84 18.11 12.99
N ARG A 574 27.59 19.03 13.60
CA ARG A 574 28.29 20.08 12.84
C ARG A 574 29.37 19.49 11.94
N MET A 575 30.07 18.48 12.44
CA MET A 575 31.06 17.78 11.62
C MET A 575 30.40 17.14 10.40
N ILE A 576 29.31 16.41 10.63
CA ILE A 576 28.53 15.83 9.54
C ILE A 576 28.13 16.92 8.54
N GLN A 577 27.58 18.02 9.05
CA GLN A 577 27.20 19.15 8.22
C GLN A 577 28.36 19.68 7.37
N HIS A 578 29.54 19.82 7.99
CA HIS A 578 30.75 20.26 7.31
C HIS A 578 31.11 19.31 6.16
N GLN A 579 31.10 18.01 6.45
CA GLN A 579 31.37 16.99 5.44
C GLN A 579 30.38 17.10 4.29
N LEU A 580 29.11 17.28 4.63
CA LEU A 580 28.08 17.40 3.60
C LEU A 580 28.29 18.66 2.77
N GLN A 581 28.78 19.73 3.40
CA GLN A 581 29.12 20.97 2.67
C GLN A 581 30.34 20.87 1.75
N THR A 582 31.35 20.11 2.15
CA THR A 582 32.64 20.09 1.43
C THR A 582 32.81 18.93 0.42
N ASN A 583 32.50 17.71 0.86
CA ASN A 583 32.46 16.55 -0.04
C ASN A 583 31.35 15.59 0.45
N LEU A 584 30.16 15.75 -0.14
CA LEU A 584 28.97 15.01 0.27
C LEU A 584 29.02 13.54 -0.10
N SER A 585 29.79 13.24 -1.16
CA SER A 585 29.83 11.91 -1.75
C SER A 585 30.50 10.87 -0.85
N VAL A 586 31.09 11.34 0.25
CA VAL A 586 31.70 10.48 1.27
C VAL A 586 30.64 9.82 2.17
N ILE A 587 29.43 10.38 2.18
CA ILE A 587 28.29 9.84 2.95
C ILE A 587 27.28 9.23 1.99
N PRO A 588 26.95 7.93 2.20
CA PRO A 588 26.01 7.25 1.30
C PRO A 588 24.77 8.09 1.08
N VAL A 589 24.26 8.13 -0.15
CA VAL A 589 23.07 8.92 -0.43
C VAL A 589 21.89 8.68 0.54
N ILE A 590 21.64 7.44 0.93
CA ILE A 590 20.53 7.17 1.86
C ILE A 590 20.78 7.87 3.20
N ASN A 591 22.02 7.89 3.66
CA ASN A 591 22.31 8.59 4.90
C ASN A 591 22.27 10.11 4.78
N ARG A 592 22.55 10.64 3.58
CA ARG A 592 22.37 12.06 3.36
C ARG A 592 20.92 12.43 3.59
N ALA A 593 20.00 11.52 3.22
CA ALA A 593 18.57 11.70 3.48
C ALA A 593 18.24 11.51 4.95
N GLN A 594 18.81 10.48 5.57
CA GLN A 594 18.57 10.12 6.96
C GLN A 594 18.82 11.30 7.91
N VAL A 595 19.92 12.00 7.68
CA VAL A 595 20.30 13.16 8.49
C VAL A 595 19.15 14.17 8.56
N ILE A 596 18.49 14.37 7.43
CA ILE A 596 17.34 15.27 7.32
C ILE A 596 16.07 14.68 7.97
N TYR A 597 15.68 13.47 7.55
CA TYR A 597 14.51 12.81 8.12
C TYR A 597 14.56 12.77 9.64
N ASP A 598 15.65 12.21 10.18
CA ASP A 598 15.81 12.04 11.62
C ASP A 598 15.82 13.37 12.36
N SER A 599 16.58 14.34 11.86
CA SER A 599 16.74 15.59 12.61
C SER A 599 15.43 16.36 12.73
N PHE A 600 14.63 16.35 11.65
CA PHE A 600 13.32 16.98 11.72
C PHE A 600 12.40 16.28 12.71
N ASN A 601 12.43 14.95 12.75
CA ASN A 601 11.62 14.20 13.73
C ASN A 601 12.08 14.50 15.16
N LEU A 602 13.39 14.51 15.35
CA LEU A 602 14.01 14.87 16.64
C LEU A 602 13.62 16.28 17.11
N ALA A 603 13.57 17.23 16.17
CA ALA A 603 13.13 18.59 16.46
C ALA A 603 11.67 18.61 16.93
N THR A 604 10.79 17.93 16.21
CA THR A 604 9.41 17.71 16.66
C THR A 604 9.36 17.16 18.08
N ALA A 605 10.25 16.23 18.39
CA ALA A 605 10.27 15.60 19.70
C ALA A 605 11.04 16.43 20.73
N HIS A 606 11.53 17.61 20.32
CA HIS A 606 12.29 18.52 21.19
C HIS A 606 13.64 17.93 21.63
N MET A 607 14.27 17.15 20.77
CA MET A 607 15.52 16.49 21.11
C MET A 607 16.69 17.21 20.47
N VAL A 608 16.39 17.99 19.44
CA VAL A 608 17.33 18.96 18.88
C VAL A 608 16.51 20.22 18.64
N PRO A 609 17.18 21.39 18.49
CA PRO A 609 16.41 22.56 18.07
C PRO A 609 16.05 22.50 16.59
N VAL A 610 14.98 23.18 16.21
CA VAL A 610 14.51 23.16 14.84
C VAL A 610 15.55 23.73 13.88
N THR A 611 16.39 24.64 14.38
CA THR A 611 17.47 25.24 13.59
C THR A 611 18.53 24.22 13.21
N LEU A 612 18.75 23.23 14.07
CA LEU A 612 19.70 22.14 13.77
C LEU A 612 19.20 21.30 12.58
N ALA A 613 17.90 20.99 12.58
CA ALA A 613 17.24 20.31 11.46
C ALA A 613 17.37 21.13 10.17
N LEU A 614 17.02 22.42 10.24
CA LEU A 614 17.15 23.32 9.09
C LEU A 614 18.60 23.44 8.62
N ASP A 615 19.53 23.51 9.58
CA ASP A 615 20.97 23.48 9.27
C ASP A 615 21.35 22.29 8.38
N ASN A 616 20.70 21.15 8.60
CA ASN A 616 20.94 19.92 7.82
C ASN A 616 20.43 19.96 6.38
N THR A 617 19.70 21.03 6.03
CA THR A 617 19.28 21.24 4.64
C THR A 617 20.26 22.12 3.86
N LEU A 618 21.20 22.74 4.58
CA LEU A 618 22.10 23.72 3.96
C LEU A 618 22.95 23.11 2.84
N PHE A 619 23.36 21.85 2.99
CA PHE A 619 24.16 21.17 1.95
C PHE A 619 23.44 20.95 0.60
N LEU A 620 22.12 21.07 0.57
CA LEU A 620 21.33 20.69 -0.61
C LEU A 620 21.61 21.50 -1.89
N ASN A 621 22.21 22.68 -1.75
CA ASN A 621 22.57 23.49 -2.91
C ASN A 621 23.59 22.79 -3.81
N GLY A 622 24.38 21.89 -3.24
CA GLY A 622 25.28 21.03 -4.00
C GLY A 622 24.78 19.60 -4.19
N GLU A 623 23.56 19.30 -3.72
CA GLU A 623 23.02 17.95 -3.84
C GLU A 623 22.30 17.72 -5.16
N LYS A 624 22.73 16.68 -5.88
CA LYS A 624 22.11 16.30 -7.16
C LYS A 624 21.13 15.12 -7.07
N GLU A 625 21.26 14.32 -6.03
CA GLU A 625 20.52 13.05 -5.97
C GLU A 625 19.12 13.19 -5.39
N TYR A 626 18.25 12.23 -5.73
CA TYR A 626 16.84 12.31 -5.39
C TYR A 626 16.56 12.33 -3.89
N MET A 627 17.07 11.35 -3.14
CA MET A 627 16.53 11.13 -1.80
C MET A 627 16.72 12.25 -0.77
N PRO A 628 17.92 12.83 -0.68
CA PRO A 628 18.08 13.87 0.32
C PRO A 628 17.17 15.06 0.06
N TRP A 629 16.96 15.39 -1.21
CA TRP A 629 16.00 16.45 -1.56
C TRP A 629 14.56 16.06 -1.17
N GLN A 630 14.20 14.81 -1.43
CA GLN A 630 12.87 14.29 -1.05
C GLN A 630 12.66 14.37 0.46
N ALA A 631 13.70 14.05 1.21
CA ALA A 631 13.67 14.14 2.67
C ALA A 631 13.36 15.56 3.14
N ALA A 632 14.02 16.53 2.52
CA ALA A 632 13.81 17.94 2.84
C ALA A 632 12.40 18.33 2.49
N LEU A 633 11.98 18.03 1.26
CA LEU A 633 10.64 18.39 0.82
C LEU A 633 9.52 17.74 1.66
N SER A 634 9.69 16.48 2.06
CA SER A 634 8.72 15.81 2.94
C SER A 634 8.73 16.46 4.31
N SER A 635 9.92 16.79 4.83
CA SER A 635 9.99 17.38 6.18
C SER A 635 9.53 18.83 6.19
N LEU A 636 9.65 19.52 5.07
CA LEU A 636 9.29 20.95 5.01
C LEU A 636 7.86 21.25 4.59
N SER A 637 7.14 20.25 4.06
CA SER A 637 5.78 20.50 3.60
C SER A 637 4.86 20.99 4.73
N TYR A 638 5.11 20.52 5.96
CA TYR A 638 4.37 21.02 7.12
C TYR A 638 4.69 22.50 7.42
N PHE A 639 5.96 22.88 7.21
CA PHE A 639 6.38 24.28 7.41
C PHE A 639 5.66 25.16 6.42
N SER A 640 5.63 24.72 5.17
CA SER A 640 4.91 25.40 4.13
C SER A 640 3.42 25.48 4.48
N LEU A 641 2.84 24.37 4.93
CA LEU A 641 1.45 24.33 5.36
C LEU A 641 1.12 25.31 6.48
N MET A 642 2.04 25.46 7.43
CA MET A 642 1.80 26.34 8.56
C MET A 642 2.07 27.80 8.24
N PHE A 643 3.03 28.06 7.34
CA PHE A 643 3.57 29.40 7.17
C PHE A 643 3.28 30.11 5.84
N ASP A 644 2.62 29.43 4.90
CA ASP A 644 2.48 30.01 3.56
C ASP A 644 1.50 31.19 3.47
N ARG A 645 0.84 31.54 4.57
CA ARG A 645 0.01 32.74 4.65
C ARG A 645 0.60 33.78 5.62
N SER A 646 1.87 33.60 5.98
CA SER A 646 2.51 34.41 7.01
C SER A 646 3.78 35.08 6.49
N GLU A 647 4.32 35.96 7.33
CA GLU A 647 5.57 36.67 7.05
C GLU A 647 6.78 35.75 6.92
N VAL A 648 6.63 34.51 7.36
CA VAL A 648 7.72 33.53 7.26
C VAL A 648 7.94 33.08 5.81
N TYR A 649 6.93 33.23 4.96
CA TYR A 649 6.92 32.59 3.64
C TYR A 649 7.92 33.13 2.63
N GLY A 650 8.06 34.45 2.55
CA GLY A 650 9.02 35.07 1.63
C GLY A 650 10.46 34.58 1.81
N PRO A 651 10.95 34.61 3.06
CA PRO A 651 12.28 34.09 3.37
C PRO A 651 12.43 32.58 3.11
N MET A 652 11.40 31.79 3.45
CA MET A 652 11.37 30.35 3.14
C MET A 652 11.47 30.11 1.64
N LYS A 653 10.60 30.77 0.90
CA LYS A 653 10.58 30.72 -0.55
C LYS A 653 11.93 31.11 -1.12
N LYS A 654 12.47 32.22 -0.62
CA LYS A 654 13.76 32.72 -1.08
C LYS A 654 14.88 31.72 -0.76
N TYR A 655 14.82 31.13 0.44
CA TYR A 655 15.79 30.12 0.83
C TYR A 655 15.74 28.90 -0.10
N LEU A 656 14.52 28.44 -0.39
CA LEU A 656 14.34 27.28 -1.25
C LEU A 656 14.73 27.59 -2.70
N ARG A 657 14.42 28.80 -3.14
CA ARG A 657 14.83 29.26 -4.47
C ARG A 657 16.36 29.25 -4.58
N LYS A 658 17.03 29.68 -3.51
CA LYS A 658 18.48 29.66 -3.44
C LYS A 658 19.03 28.24 -3.51
N GLN A 659 18.46 27.33 -2.72
CA GLN A 659 18.94 25.95 -2.65
C GLN A 659 18.76 25.17 -3.95
N VAL A 660 17.63 25.40 -4.62
CA VAL A 660 17.25 24.58 -5.76
C VAL A 660 17.79 25.08 -7.11
N GLU A 661 18.17 26.36 -7.18
CA GLU A 661 18.58 26.95 -8.46
C GLU A 661 19.75 26.20 -9.13
N PRO A 662 20.80 25.85 -8.37
CA PRO A 662 21.90 25.10 -8.99
C PRO A 662 21.49 23.73 -9.53
N LEU A 663 20.57 23.05 -8.82
CA LEU A 663 20.02 21.78 -9.30
C LEU A 663 19.22 21.98 -10.58
N PHE A 664 18.34 23.00 -10.56
CA PHE A 664 17.62 23.39 -11.76
C PHE A 664 18.57 23.66 -12.92
N GLN A 665 19.61 24.47 -12.66
CA GLN A 665 20.61 24.80 -13.68
C GLN A 665 21.30 23.53 -14.20
N HIS A 666 21.67 22.64 -13.27
CA HIS A 666 22.27 21.35 -13.61
C HIS A 666 21.44 20.53 -14.61
N PHE A 667 20.14 20.41 -14.35
CA PHE A 667 19.27 19.63 -15.22
C PHE A 667 19.03 20.34 -16.55
N GLU A 668 18.94 21.66 -16.51
CA GLU A 668 18.88 22.47 -17.73
C GLU A 668 19.93 22.03 -18.76
N THR A 669 21.17 21.87 -18.29
CA THR A 669 22.29 21.44 -19.14
C THR A 669 22.24 19.95 -19.44
N LEU A 670 22.23 19.13 -18.39
CA LEU A 670 22.13 17.68 -18.51
C LEU A 670 21.04 17.23 -19.49
N THR A 671 19.85 17.84 -19.38
CA THR A 671 18.70 17.46 -20.22
C THR A 671 18.73 18.09 -21.62
N LYS A 672 19.78 18.89 -21.89
CA LYS A 672 19.96 19.61 -23.15
C LYS A 672 18.76 20.49 -23.45
N ASN A 673 18.54 21.47 -22.57
CA ASN A 673 17.37 22.34 -22.62
C ASN A 673 16.07 21.54 -22.52
N TRP A 674 16.03 20.61 -21.56
CA TRP A 674 14.82 19.86 -21.24
C TRP A 674 14.29 19.00 -22.40
N THR A 675 15.18 18.63 -23.32
CA THR A 675 14.81 17.83 -24.49
C THR A 675 14.91 16.33 -24.25
N GLU A 676 15.87 15.90 -23.45
CA GLU A 676 15.99 14.48 -23.08
C GLU A 676 16.05 14.29 -21.57
N ARG A 677 15.30 13.29 -21.08
CA ARG A 677 15.24 12.98 -19.66
C ARG A 677 16.55 12.35 -19.19
N PRO A 678 16.89 12.50 -17.90
CA PRO A 678 18.00 11.73 -17.36
C PRO A 678 17.76 10.23 -17.53
N GLU A 679 18.84 9.45 -17.45
CA GLU A 679 18.80 8.04 -17.84
C GLU A 679 18.07 7.15 -16.83
N ASN A 680 18.55 7.13 -15.60
CA ASN A 680 18.00 6.23 -14.58
C ASN A 680 16.87 6.86 -13.74
N LEU A 681 16.17 6.03 -12.98
CA LEU A 681 14.98 6.47 -12.26
C LEU A 681 15.28 7.53 -11.19
N MET A 682 16.29 7.30 -10.35
CA MET A 682 16.59 8.25 -9.29
C MET A 682 16.85 9.65 -9.83
N ASP A 683 17.61 9.75 -10.93
CA ASP A 683 17.89 11.04 -11.53
C ASP A 683 16.66 11.68 -12.17
N GLN A 684 15.77 10.86 -12.72
CA GLN A 684 14.49 11.36 -13.24
C GLN A 684 13.63 11.86 -12.10
N TYR A 685 13.59 11.12 -11.00
CA TYR A 685 12.87 11.53 -9.81
C TYR A 685 13.43 12.87 -9.29
N SER A 686 14.75 13.01 -9.32
CA SER A 686 15.40 14.21 -8.84
C SER A 686 15.03 15.41 -9.71
N GLU A 687 15.01 15.21 -11.03
CA GLU A 687 14.59 16.25 -11.95
C GLU A 687 13.14 16.68 -11.70
N ILE A 688 12.23 15.73 -11.51
CA ILE A 688 10.83 16.02 -11.24
C ILE A 688 10.68 16.92 -10.01
N ASN A 689 11.37 16.55 -8.94
CA ASN A 689 11.32 17.31 -7.68
C ASN A 689 11.98 18.67 -7.81
N ALA A 690 13.06 18.76 -8.58
CA ALA A 690 13.76 20.03 -8.82
C ALA A 690 12.87 21.03 -9.55
N ILE A 691 12.22 20.56 -10.62
CA ILE A 691 11.29 21.39 -11.38
C ILE A 691 10.13 21.81 -10.47
N SER A 692 9.61 20.86 -9.70
CA SER A 692 8.52 21.14 -8.80
C SER A 692 8.90 22.18 -7.75
N THR A 693 10.04 21.97 -7.10
CA THR A 693 10.53 22.88 -6.07
C THR A 693 10.82 24.26 -6.64
N ALA A 694 11.47 24.30 -7.80
CA ALA A 694 11.83 25.56 -8.45
C ALA A 694 10.58 26.38 -8.76
N CYS A 695 9.67 25.81 -9.55
CA CYS A 695 8.45 26.51 -9.98
C CYS A 695 7.57 26.96 -8.83
N SER A 696 7.36 26.10 -7.86
CA SER A 696 6.45 26.40 -6.77
C SER A 696 7.05 27.41 -5.79
N ASN A 697 8.37 27.61 -5.85
CA ASN A 697 9.02 28.63 -5.03
C ASN A 697 9.37 29.89 -5.81
N GLY A 698 8.77 30.00 -7.00
CA GLY A 698 8.86 31.19 -7.85
C GLY A 698 10.20 31.47 -8.50
N LEU A 699 10.95 30.43 -8.85
CA LEU A 699 12.18 30.62 -9.62
C LEU A 699 11.83 31.05 -11.05
N PRO A 700 12.22 32.29 -11.44
CA PRO A 700 11.84 32.81 -12.76
C PRO A 700 12.10 31.87 -13.94
N GLN A 701 13.28 31.25 -13.98
CA GLN A 701 13.63 30.31 -15.05
C GLN A 701 12.65 29.12 -15.13
N CYS A 702 12.20 28.63 -13.98
CA CYS A 702 11.22 27.54 -14.01
C CYS A 702 9.88 28.05 -14.53
N GLU A 703 9.42 29.19 -14.00
CA GLU A 703 8.17 29.83 -14.43
C GLU A 703 8.16 30.08 -15.94
N ASN A 704 9.31 30.46 -16.47
CA ASN A 704 9.50 30.68 -17.90
C ASN A 704 9.36 29.40 -18.72
N LEU A 705 10.04 28.34 -18.28
CA LEU A 705 9.90 27.02 -18.89
C LEU A 705 8.44 26.55 -18.93
N ALA A 706 7.73 26.74 -17.81
CA ALA A 706 6.36 26.30 -17.68
C ALA A 706 5.45 27.05 -18.64
N LYS A 707 5.57 28.38 -18.65
CA LYS A 707 4.81 29.24 -19.56
C LYS A 707 5.07 28.91 -21.03
N THR A 708 6.33 28.76 -21.41
CA THR A 708 6.73 28.44 -22.79
C THR A 708 6.11 27.13 -23.28
N LEU A 709 6.28 26.08 -22.49
CA LEU A 709 5.79 24.74 -22.84
C LEU A 709 4.27 24.69 -22.99
N PHE A 710 3.57 25.30 -22.04
CA PHE A 710 2.11 25.33 -22.06
C PHE A 710 1.57 26.14 -23.25
N ASP A 711 2.18 27.30 -23.52
CA ASP A 711 1.86 28.09 -24.72
C ASP A 711 2.06 27.24 -25.97
N GLN A 712 3.19 26.56 -26.04
CA GLN A 712 3.48 25.64 -27.14
C GLN A 712 2.40 24.57 -27.27
N TRP A 713 1.93 24.03 -26.14
CA TRP A 713 0.87 23.03 -26.16
C TRP A 713 -0.44 23.65 -26.68
N MET A 714 -0.76 24.85 -26.21
CA MET A 714 -2.00 25.53 -26.60
C MET A 714 -2.07 25.86 -28.09
N SER A 715 -0.94 26.17 -28.70
CA SER A 715 -0.91 26.47 -30.14
C SER A 715 -1.01 25.19 -30.98
N ASP A 716 -0.78 24.03 -30.37
CA ASP A 716 -0.81 22.76 -31.10
C ASP A 716 -1.35 21.64 -30.17
N PRO A 717 -2.67 21.66 -29.87
CA PRO A 717 -3.27 20.79 -28.83
C PRO A 717 -3.00 19.29 -28.97
N GLU A 718 -3.04 18.77 -30.20
CA GLU A 718 -2.88 17.34 -30.44
C GLU A 718 -1.45 16.80 -30.22
N ASN A 719 -0.48 17.71 -30.18
CA ASN A 719 0.91 17.33 -29.93
C ASN A 719 1.42 17.89 -28.61
N ASN A 720 1.09 17.22 -27.52
CA ASN A 720 1.57 17.61 -26.21
C ASN A 720 3.09 17.56 -26.15
N PRO A 721 3.74 18.72 -25.92
CA PRO A 721 5.19 18.78 -25.88
C PRO A 721 5.78 18.56 -24.49
N ILE A 722 4.92 18.36 -23.49
CA ILE A 722 5.41 18.19 -22.12
C ILE A 722 5.53 16.71 -21.77
N HIS A 723 6.76 16.29 -21.46
CA HIS A 723 7.03 14.93 -21.06
C HIS A 723 6.19 14.56 -19.84
N PRO A 724 5.55 13.37 -19.85
CA PRO A 724 4.73 12.93 -18.73
C PRO A 724 5.32 13.22 -17.35
N ASN A 725 6.64 13.10 -17.19
CA ASN A 725 7.29 13.30 -15.90
C ASN A 725 7.05 14.68 -15.30
N LEU A 726 6.98 15.68 -16.18
CA LEU A 726 6.98 17.08 -15.78
C LEU A 726 5.58 17.70 -15.84
N ARG A 727 4.61 16.94 -16.31
CA ARG A 727 3.28 17.50 -16.59
C ARG A 727 2.61 18.15 -15.41
N SER A 728 2.63 17.50 -14.24
CA SER A 728 1.89 18.04 -13.08
C SER A 728 2.41 19.44 -12.68
N THR A 729 3.72 19.62 -12.67
CA THR A 729 4.30 20.93 -12.37
C THR A 729 4.05 21.95 -13.49
N ILE A 730 4.41 21.59 -14.71
CA ILE A 730 4.26 22.49 -15.86
C ILE A 730 2.82 22.95 -16.02
N TYR A 731 1.87 22.00 -15.99
CA TYR A 731 0.45 22.34 -16.05
C TYR A 731 0.03 23.28 -14.91
N CYS A 732 0.51 22.99 -13.70
CA CYS A 732 0.09 23.75 -12.51
C CYS A 732 0.64 25.18 -12.55
N ASN A 733 1.93 25.31 -12.77
CA ASN A 733 2.58 26.60 -12.84
C ASN A 733 2.07 27.49 -13.96
N ALA A 734 1.94 26.93 -15.16
CA ALA A 734 1.37 27.63 -16.31
C ALA A 734 -0.06 28.14 -16.05
N ILE A 735 -0.90 27.30 -15.43
CA ILE A 735 -2.24 27.73 -15.08
C ILE A 735 -2.20 28.83 -14.02
N ALA A 736 -1.26 28.71 -13.08
CA ALA A 736 -1.06 29.72 -12.04
C ALA A 736 -0.71 31.09 -12.66
N GLN A 737 0.20 31.10 -13.64
CA GLN A 737 0.62 32.32 -14.31
C GLN A 737 -0.46 32.90 -15.22
N GLY A 738 -1.32 32.04 -15.74
CA GLY A 738 -2.27 32.44 -16.78
C GLY A 738 -3.63 32.87 -16.27
N GLY A 739 -4.59 32.91 -17.17
CA GLY A 739 -5.96 33.28 -16.85
C GLY A 739 -6.93 32.26 -17.38
N GLN A 740 -8.08 32.72 -17.87
CA GLN A 740 -9.12 31.83 -18.34
C GLN A 740 -8.80 31.14 -19.67
N ASP A 741 -7.85 31.68 -20.44
CA ASP A 741 -7.42 31.03 -21.68
C ASP A 741 -6.77 29.69 -21.37
N GLN A 742 -5.78 29.73 -20.46
CA GLN A 742 -5.11 28.54 -19.98
C GLN A 742 -6.07 27.61 -19.25
N TRP A 743 -6.91 28.18 -18.38
CA TRP A 743 -7.85 27.38 -17.62
C TRP A 743 -8.86 26.68 -18.53
N ASP A 744 -9.47 27.43 -19.44
CA ASP A 744 -10.47 26.84 -20.34
C ASP A 744 -9.88 25.80 -21.29
N PHE A 745 -8.63 26.00 -21.68
CA PHE A 745 -7.95 25.02 -22.53
C PHE A 745 -7.72 23.71 -21.76
N ALA A 746 -7.15 23.81 -20.56
CA ALA A 746 -6.93 22.64 -19.70
C ALA A 746 -8.23 21.91 -19.35
N TRP A 747 -9.30 22.67 -19.13
CA TRP A 747 -10.61 22.09 -18.85
C TRP A 747 -11.14 21.30 -20.05
N GLY A 748 -10.94 21.85 -21.24
CA GLY A 748 -11.26 21.16 -22.49
C GLY A 748 -10.50 19.85 -22.61
N GLN A 749 -9.22 19.88 -22.29
CA GLN A 749 -8.37 18.70 -22.28
C GLN A 749 -8.83 17.67 -21.26
N LEU A 750 -9.18 18.13 -20.06
CA LEU A 750 -9.79 17.26 -19.06
C LEU A 750 -11.05 16.56 -19.57
N GLN A 751 -11.94 17.30 -20.23
CA GLN A 751 -13.23 16.73 -20.62
C GLN A 751 -13.12 15.68 -21.71
N GLN A 752 -12.04 15.70 -22.48
CA GLN A 752 -11.80 14.66 -23.49
C GLN A 752 -10.65 13.70 -23.16
N ALA A 753 -10.13 13.75 -21.93
CA ALA A 753 -9.07 12.84 -21.51
C ALA A 753 -9.59 11.40 -21.47
N GLN A 754 -8.84 10.49 -22.07
CA GLN A 754 -9.23 9.08 -22.10
C GLN A 754 -8.64 8.37 -20.90
N LEU A 755 -7.45 8.83 -20.48
CA LEU A 755 -6.68 8.15 -19.46
C LEU A 755 -6.81 8.82 -18.12
N VAL A 756 -7.10 8.00 -17.11
CA VAL A 756 -7.31 8.46 -15.75
C VAL A 756 -6.15 9.31 -15.22
N ASN A 757 -4.92 8.89 -15.50
CA ASN A 757 -3.74 9.55 -14.95
C ASN A 757 -3.50 10.94 -15.54
N GLU A 758 -3.84 11.12 -16.81
CA GLU A 758 -3.81 12.44 -17.43
C GLU A 758 -4.95 13.31 -16.88
N ALA A 759 -6.16 12.75 -16.82
CA ALA A 759 -7.29 13.45 -16.21
C ALA A 759 -6.99 13.91 -14.77
N ASP A 760 -6.35 13.04 -13.98
CA ASP A 760 -5.93 13.39 -12.61
C ASP A 760 -5.03 14.62 -12.56
N LYS A 761 -4.01 14.66 -13.42
CA LYS A 761 -3.05 15.76 -13.46
C LYS A 761 -3.71 17.08 -13.83
N LEU A 762 -4.64 17.01 -14.78
CA LEU A 762 -5.41 18.15 -15.25
C LEU A 762 -6.31 18.69 -14.14
N ARG A 763 -7.01 17.78 -13.45
CA ARG A 763 -7.89 18.17 -12.35
C ARG A 763 -7.11 18.88 -11.25
N SER A 764 -5.95 18.34 -10.93
CA SER A 764 -5.07 18.92 -9.93
C SER A 764 -4.50 20.26 -10.38
N ALA A 765 -4.13 20.36 -11.66
CA ALA A 765 -3.51 21.58 -12.18
C ALA A 765 -4.49 22.75 -12.26
N LEU A 766 -5.75 22.46 -12.57
CA LEU A 766 -6.80 23.47 -12.67
C LEU A 766 -7.02 24.19 -11.35
N ALA A 767 -6.66 23.52 -10.25
CA ALA A 767 -6.76 24.09 -8.90
C ALA A 767 -5.62 25.06 -8.61
N CYS A 768 -4.67 25.16 -9.52
CA CYS A 768 -3.53 26.04 -9.34
C CYS A 768 -3.78 27.49 -9.83
N SER A 769 -4.98 27.78 -10.31
CA SER A 769 -5.26 29.15 -10.77
C SER A 769 -5.13 30.12 -9.60
N ASN A 770 -4.64 31.34 -9.88
CA ASN A 770 -4.57 32.39 -8.86
C ASN A 770 -5.69 33.40 -8.98
N GLU A 771 -6.70 33.05 -9.78
CA GLU A 771 -7.89 33.87 -9.92
C GLU A 771 -9.00 33.31 -9.04
N VAL A 772 -9.44 34.08 -8.05
CA VAL A 772 -10.52 33.71 -7.15
C VAL A 772 -11.74 33.23 -7.93
N TRP A 773 -12.12 33.99 -8.95
CA TRP A 773 -13.33 33.71 -9.70
C TRP A 773 -13.29 32.34 -10.42
N LEU A 774 -12.12 31.98 -10.96
CA LEU A 774 -11.92 30.69 -11.62
C LEU A 774 -12.01 29.54 -10.61
N LEU A 775 -11.39 29.73 -9.45
CA LEU A 775 -11.46 28.74 -8.37
C LEU A 775 -12.88 28.52 -7.83
N ASN A 776 -13.62 29.59 -7.62
CA ASN A 776 -15.02 29.48 -7.20
C ASN A 776 -15.89 28.82 -8.27
N ARG A 777 -15.67 29.17 -9.54
CA ARG A 777 -16.36 28.52 -10.65
C ARG A 777 -16.04 27.03 -10.70
N TYR A 778 -14.78 26.69 -10.41
CA TYR A 778 -14.31 25.32 -10.40
C TYR A 778 -14.98 24.53 -9.27
N LEU A 779 -15.02 25.12 -8.07
CA LEU A 779 -15.75 24.54 -6.94
C LEU A 779 -17.21 24.24 -7.30
N GLY A 780 -17.87 25.18 -7.97
CA GLY A 780 -19.23 25.01 -8.44
C GLY A 780 -19.41 23.85 -9.41
N TYR A 781 -18.31 23.38 -9.99
CA TYR A 781 -18.35 22.23 -10.89
C TYR A 781 -18.23 20.89 -10.16
N THR A 782 -17.57 20.89 -9.00
CA THR A 782 -17.18 19.65 -8.31
C THR A 782 -18.34 18.76 -7.90
N LEU A 783 -19.53 19.34 -7.80
CA LEU A 783 -20.72 18.59 -7.37
C LEU A 783 -21.61 18.23 -8.55
N ASN A 784 -21.14 18.52 -9.75
CA ASN A 784 -21.81 18.15 -10.98
C ASN A 784 -21.18 16.88 -11.59
N PRO A 785 -21.95 15.77 -11.57
CA PRO A 785 -21.55 14.46 -12.09
C PRO A 785 -21.18 14.46 -13.56
N ASP A 786 -21.77 15.38 -14.34
CA ASP A 786 -21.44 15.54 -15.77
C ASP A 786 -20.01 16.04 -16.00
N LEU A 787 -19.48 16.79 -15.03
CA LEU A 787 -18.22 17.52 -15.22
C LEU A 787 -17.06 16.96 -14.41
N ILE A 788 -17.36 16.55 -13.18
CA ILE A 788 -16.39 15.93 -12.28
C ILE A 788 -17.02 14.63 -11.77
N ARG A 789 -16.28 13.52 -11.91
CA ARG A 789 -16.75 12.23 -11.38
C ARG A 789 -16.98 12.34 -9.88
N LYS A 790 -18.08 11.73 -9.42
CA LYS A 790 -18.39 11.62 -7.99
C LYS A 790 -17.16 11.24 -7.17
N GLN A 791 -16.52 10.15 -7.57
CA GLN A 791 -15.35 9.61 -6.89
C GLN A 791 -14.19 10.61 -6.83
N ASP A 792 -14.24 11.65 -7.67
CA ASP A 792 -13.17 12.66 -7.74
C ASP A 792 -13.52 13.99 -7.07
N ALA A 793 -14.75 14.10 -6.56
CA ALA A 793 -15.28 15.36 -6.06
C ALA A 793 -14.49 15.94 -4.89
N THR A 794 -14.25 15.13 -3.86
CA THR A 794 -13.60 15.63 -2.67
C THR A 794 -12.13 15.89 -2.93
N SER A 795 -11.54 15.07 -3.80
CA SER A 795 -10.16 15.21 -4.26
C SER A 795 -9.92 16.60 -4.88
N THR A 796 -10.86 17.00 -5.74
CA THR A 796 -10.80 18.27 -6.43
C THR A 796 -10.94 19.43 -5.43
N ILE A 797 -11.96 19.39 -4.57
CA ILE A 797 -12.16 20.40 -3.53
C ILE A 797 -10.88 20.55 -2.70
N ASN A 798 -10.30 19.41 -2.33
CA ASN A 798 -9.03 19.38 -1.60
C ASN A 798 -7.85 20.04 -2.30
N SER A 799 -7.74 19.83 -3.62
CA SER A 799 -6.71 20.48 -4.42
C SER A 799 -6.89 22.01 -4.44
N ILE A 800 -8.14 22.44 -4.50
CA ILE A 800 -8.47 23.87 -4.47
C ILE A 800 -8.07 24.43 -3.12
N ALA A 801 -8.41 23.70 -2.06
CA ALA A 801 -8.04 24.07 -0.70
C ALA A 801 -6.55 24.22 -0.50
N SER A 802 -5.75 23.41 -1.19
CA SER A 802 -4.31 23.44 -0.99
C SER A 802 -3.65 24.66 -1.65
N ASN A 803 -4.32 25.25 -2.63
CA ASN A 803 -3.99 26.58 -3.13
C ASN A 803 -4.25 27.64 -2.03
N VAL A 804 -3.23 28.43 -1.64
CA VAL A 804 -3.42 29.44 -0.56
C VAL A 804 -4.63 30.34 -0.80
N ILE A 805 -4.84 30.71 -2.06
CA ILE A 805 -5.96 31.55 -2.46
C ILE A 805 -7.28 30.77 -2.40
N GLY A 806 -7.19 29.47 -2.68
CA GLY A 806 -8.36 28.60 -2.67
C GLY A 806 -8.77 28.11 -1.28
N GLN A 807 -7.86 28.23 -0.31
CA GLN A 807 -8.11 27.80 1.08
C GLN A 807 -9.41 28.38 1.66
N PRO A 808 -9.55 29.73 1.72
CA PRO A 808 -10.81 30.27 2.24
C PRO A 808 -12.03 29.89 1.40
N LEU A 809 -11.86 29.81 0.07
CA LEU A 809 -12.95 29.50 -0.84
C LEU A 809 -13.45 28.06 -0.66
N ALA A 810 -12.52 27.11 -0.57
CA ALA A 810 -12.89 25.72 -0.34
C ALA A 810 -13.53 25.53 1.03
N TRP A 811 -12.93 26.14 2.05
CA TRP A 811 -13.48 26.06 3.40
C TRP A 811 -14.90 26.64 3.51
N ASP A 812 -15.13 27.78 2.86
CA ASP A 812 -16.49 28.36 2.77
C ASP A 812 -17.43 27.43 2.05
N PHE A 813 -16.94 26.82 0.97
CA PHE A 813 -17.72 25.93 0.14
C PHE A 813 -18.18 24.72 0.94
N VAL A 814 -17.26 24.13 1.69
CA VAL A 814 -17.56 22.97 2.51
C VAL A 814 -18.60 23.28 3.60
N GLN A 815 -18.35 24.33 4.39
CA GLN A 815 -19.30 24.75 5.42
C GLN A 815 -20.70 24.96 4.85
N SER A 816 -20.76 25.65 3.73
CA SER A 816 -22.02 26.02 3.11
C SER A 816 -22.77 24.82 2.51
N ASN A 817 -22.05 23.93 1.84
CA ASN A 817 -22.69 22.83 1.13
C ASN A 817 -22.74 21.55 1.92
N TRP A 818 -22.34 21.62 3.19
CA TRP A 818 -22.30 20.46 4.08
C TRP A 818 -23.55 19.58 3.99
N LYS A 819 -24.70 20.22 3.77
CA LYS A 819 -25.97 19.51 3.57
C LYS A 819 -26.00 18.62 2.31
N LYS A 820 -24.83 18.44 1.68
CA LYS A 820 -24.63 17.36 0.73
C LYS A 820 -24.27 16.09 1.51
N LEU A 821 -24.59 16.12 2.81
CA LEU A 821 -24.50 14.94 3.67
C LEU A 821 -25.73 14.05 3.54
N PHE A 822 -26.93 14.65 3.56
CA PHE A 822 -28.15 13.87 3.31
C PHE A 822 -28.37 13.59 1.82
N GLN A 823 -27.26 13.39 1.10
CA GLN A 823 -27.29 13.20 -0.35
C GLN A 823 -26.19 12.23 -0.82
N ASP A 824 -25.08 12.16 -0.08
CA ASP A 824 -23.95 11.31 -0.46
C ASP A 824 -23.55 10.29 0.62
N TYR A 825 -24.42 10.07 1.59
CA TYR A 825 -24.16 9.13 2.68
C TYR A 825 -25.35 8.19 2.80
N GLY A 826 -25.69 7.60 1.66
CA GLY A 826 -26.88 6.79 1.46
C GLY A 826 -26.99 6.38 0.01
N GLY A 827 -26.08 6.91 -0.81
CA GLY A 827 -25.95 6.55 -2.22
C GLY A 827 -24.54 6.07 -2.54
N GLY A 828 -23.55 6.78 -2.00
CA GLY A 828 -22.14 6.40 -2.12
C GLY A 828 -21.32 7.11 -1.06
N SER A 829 -20.84 6.34 -0.08
CA SER A 829 -20.28 6.85 1.20
C SER A 829 -19.51 8.19 1.20
N PHE A 830 -18.76 8.47 0.13
CA PHE A 830 -18.18 9.81 -0.14
C PHE A 830 -17.15 10.26 0.90
N SER A 831 -15.89 9.82 0.72
CA SER A 831 -14.78 10.03 1.69
C SER A 831 -14.72 11.39 2.38
N PHE A 832 -15.55 11.53 3.40
CA PHE A 832 -15.74 12.79 4.10
C PHE A 832 -14.64 13.07 5.10
N SER A 833 -13.96 12.01 5.53
CA SER A 833 -12.84 12.14 6.45
C SER A 833 -11.66 12.82 5.77
N ASN A 834 -11.47 12.50 4.49
CA ASN A 834 -10.40 13.11 3.69
C ASN A 834 -10.65 14.60 3.39
N LEU A 835 -11.89 14.94 3.06
CA LEU A 835 -12.32 16.32 2.85
C LEU A 835 -12.05 17.23 4.05
N ILE A 836 -12.51 16.83 5.23
CA ILE A 836 -12.29 17.57 6.47
C ILE A 836 -10.79 17.73 6.72
N GLN A 837 -10.09 16.61 6.68
CA GLN A 837 -8.66 16.56 6.84
C GLN A 837 -7.99 17.60 5.94
N GLY A 838 -8.40 17.63 4.68
CA GLY A 838 -7.76 18.46 3.68
C GLY A 838 -8.02 19.95 3.83
N VAL A 839 -9.27 20.35 4.01
CA VAL A 839 -9.62 21.76 4.09
C VAL A 839 -9.23 22.42 5.42
N THR A 840 -9.09 21.63 6.48
CA THR A 840 -8.72 22.14 7.81
C THR A 840 -7.23 21.97 8.12
N ARG A 841 -6.52 21.33 7.21
CA ARG A 841 -5.10 21.00 7.33
C ARG A 841 -4.27 22.22 7.75
N ARG A 842 -4.51 23.37 7.12
CA ARG A 842 -3.71 24.57 7.39
C ARG A 842 -3.95 25.24 8.75
N PHE A 843 -5.11 24.97 9.37
CA PHE A 843 -5.53 25.74 10.55
C PHE A 843 -4.49 25.72 11.66
N SER A 844 -4.09 26.90 12.11
CA SER A 844 -3.04 27.01 13.09
C SER A 844 -3.21 28.22 14.00
N SER A 845 -4.41 28.79 14.03
CA SER A 845 -4.69 29.93 14.91
C SER A 845 -5.92 29.67 15.78
N GLU A 846 -5.93 30.33 16.94
CA GLU A 846 -7.10 30.32 17.83
C GLU A 846 -8.36 30.74 17.06
N PHE A 847 -8.22 31.75 16.21
CA PHE A 847 -9.33 32.23 15.38
C PHE A 847 -9.88 31.13 14.48
N GLU A 848 -9.00 30.38 13.82
CA GLU A 848 -9.41 29.26 12.96
C GLU A 848 -9.99 28.10 13.77
N LEU A 849 -9.48 27.89 14.98
CA LEU A 849 -10.05 26.92 15.91
C LEU A 849 -11.49 27.29 16.23
N GLN A 850 -11.73 28.56 16.56
CA GLN A 850 -13.08 29.08 16.85
C GLN A 850 -14.03 28.88 15.68
N GLN A 851 -13.54 29.08 14.46
CA GLN A 851 -14.34 28.84 13.25
C GLN A 851 -14.73 27.37 13.15
N LEU A 852 -13.81 26.49 13.51
CA LEU A 852 -14.04 25.05 13.40
C LEU A 852 -15.02 24.56 14.46
N GLU A 853 -14.94 25.14 15.66
CA GLU A 853 -15.88 24.84 16.75
C GLU A 853 -17.27 25.37 16.41
N GLN A 854 -17.34 26.64 15.99
CA GLN A 854 -18.58 27.31 15.58
C GLN A 854 -19.27 26.56 14.45
N PHE A 855 -18.48 25.98 13.56
CA PHE A 855 -18.99 25.18 12.47
C PHE A 855 -19.51 23.83 12.98
N LYS A 856 -18.78 23.25 13.93
CA LYS A 856 -19.16 21.97 14.55
C LYS A 856 -20.49 22.09 15.28
N LYS A 857 -20.75 23.26 15.87
CA LYS A 857 -22.00 23.57 16.56
C LYS A 857 -23.27 23.32 15.75
N ASN A 858 -23.12 22.56 14.66
CA ASN A 858 -24.25 22.08 13.87
C ASN A 858 -24.31 20.54 13.92
N ASN A 859 -24.34 20.01 15.15
CA ASN A 859 -24.60 18.60 15.42
C ASN A 859 -26.09 18.33 15.33
N MET A 860 -26.88 19.33 15.73
CA MET A 860 -28.32 19.34 15.58
C MET A 860 -28.68 18.90 14.17
N ASP A 861 -29.16 17.66 14.07
CA ASP A 861 -29.41 17.01 12.79
C ASP A 861 -28.15 17.00 11.90
N VAL A 862 -28.29 16.44 10.70
CA VAL A 862 -27.19 16.30 9.73
C VAL A 862 -26.10 15.36 10.27
N GLY A 863 -25.41 15.78 11.32
CA GLY A 863 -24.28 15.01 11.85
C GLY A 863 -23.12 15.08 10.87
N PHE A 864 -22.27 14.05 10.88
CA PHE A 864 -21.12 13.99 9.96
C PHE A 864 -20.92 12.61 9.32
N GLY A 865 -21.35 11.56 10.02
CA GLY A 865 -21.26 10.19 9.50
C GLY A 865 -19.85 9.64 9.45
N SER A 866 -19.39 9.30 8.24
CA SER A 866 -18.06 8.71 8.04
C SER A 866 -16.89 9.60 8.47
N GLY A 867 -17.15 10.90 8.59
CA GLY A 867 -16.13 11.87 9.02
C GLY A 867 -16.42 12.54 10.36
N THR A 868 -17.19 11.86 11.20
CA THR A 868 -17.50 12.33 12.56
C THR A 868 -16.24 12.35 13.42
N ARG A 869 -15.45 11.29 13.28
CA ARG A 869 -14.18 11.15 13.99
C ARG A 869 -13.12 12.06 13.37
N ALA A 870 -13.21 12.27 12.06
CA ALA A 870 -12.31 13.16 11.32
C ALA A 870 -12.39 14.62 11.78
N LEU A 871 -13.61 15.08 12.12
CA LEU A 871 -13.79 16.42 12.67
C LEU A 871 -13.12 16.59 14.03
N GLU A 872 -13.26 15.61 14.91
CA GLU A 872 -12.61 15.64 16.22
C GLU A 872 -11.08 15.65 16.08
N GLN A 873 -10.57 14.87 15.14
CA GLN A 873 -9.15 14.87 14.79
C GLN A 873 -8.69 16.27 14.34
N ALA A 874 -9.54 16.95 13.56
CA ALA A 874 -9.23 18.30 13.05
C ALA A 874 -9.12 19.34 14.17
N LEU A 875 -9.95 19.20 15.21
CA LEU A 875 -9.88 20.09 16.37
C LEU A 875 -8.62 19.86 17.20
N GLU A 876 -8.31 18.60 17.49
CA GLU A 876 -7.07 18.23 18.15
C GLU A 876 -5.84 18.68 17.36
N LYS A 877 -5.90 18.47 16.05
CA LYS A 877 -4.80 18.81 15.16
C LYS A 877 -4.56 20.32 15.12
N THR A 878 -5.64 21.09 15.17
CA THR A 878 -5.54 22.55 15.14
C THR A 878 -4.86 23.09 16.40
N LYS A 879 -5.25 22.57 17.56
CA LYS A 879 -4.59 22.88 18.84
C LYS A 879 -3.09 22.58 18.80
N ALA A 880 -2.73 21.43 18.23
CA ALA A 880 -1.32 21.07 18.07
C ALA A 880 -0.61 22.05 17.15
N ASN A 881 -1.25 22.40 16.03
CA ASN A 881 -0.70 23.40 15.11
C ASN A 881 -0.51 24.79 15.77
N ILE A 882 -1.56 25.27 16.43
CA ILE A 882 -1.49 26.52 17.21
C ILE A 882 -0.25 26.55 18.10
N LYS A 883 -0.07 25.49 18.89
CA LYS A 883 1.05 25.38 19.82
C LYS A 883 2.40 25.34 19.10
N TRP A 884 2.48 24.55 18.03
CA TRP A 884 3.73 24.42 17.27
C TRP A 884 4.12 25.76 16.63
N VAL A 885 3.15 26.45 16.04
CA VAL A 885 3.40 27.75 15.41
C VAL A 885 3.93 28.79 16.42
N LYS A 886 3.31 28.84 17.60
CA LYS A 886 3.76 29.73 18.69
C LYS A 886 5.18 29.44 19.17
N GLU A 887 5.52 28.16 19.29
CA GLU A 887 6.86 27.75 19.70
C GLU A 887 7.91 28.03 18.64
N ASN A 888 7.53 27.96 17.36
CA ASN A 888 8.49 27.89 16.27
C ASN A 888 8.58 29.11 15.35
N LYS A 889 7.50 29.89 15.28
CA LYS A 889 7.43 30.99 14.30
C LYS A 889 8.68 31.89 14.30
N GLU A 890 8.99 32.45 15.47
CA GLU A 890 10.09 33.40 15.60
C GLU A 890 11.44 32.79 15.18
N VAL A 891 11.77 31.66 15.79
CA VAL A 891 13.00 30.91 15.48
C VAL A 891 13.13 30.59 13.98
N VAL A 892 12.05 30.09 13.38
CA VAL A 892 12.05 29.71 11.96
C VAL A 892 12.16 30.93 11.03
N LEU A 893 11.43 32.00 11.36
CA LEU A 893 11.49 33.23 10.58
C LEU A 893 12.94 33.71 10.41
N ASN A 894 13.64 33.79 11.54
CA ASN A 894 15.00 34.31 11.60
C ASN A 894 16.02 33.39 10.96
N TRP A 895 15.80 32.08 11.05
CA TRP A 895 16.68 31.13 10.37
C TRP A 895 16.60 31.29 8.84
N PHE A 896 15.38 31.39 8.31
CA PHE A 896 15.19 31.58 6.87
C PHE A 896 15.73 32.94 6.41
N ILE A 897 15.43 34.01 7.15
CA ILE A 897 15.99 35.33 6.86
C ILE A 897 17.51 35.24 6.83
N GLU A 898 18.09 34.68 7.89
CA GLU A 898 19.53 34.49 7.98
C GLU A 898 20.13 33.73 6.78
N HIS A 899 19.41 32.74 6.26
CA HIS A 899 20.01 31.86 5.26
C HIS A 899 19.55 32.06 3.81
N SER A 900 18.70 33.05 3.58
CA SER A 900 18.31 33.39 2.20
C SER A 900 19.07 34.62 1.68
N SER A 901 20.21 34.92 2.30
CA SER A 901 21.01 36.12 2.01
C SER A 901 20.24 37.39 2.38
N ALA B 1 -3.60 -8.97 -0.11
CA ALA B 1 -3.66 -7.85 -1.05
C ALA B 1 -2.57 -6.75 -0.96
N ALA B 2 -2.18 -6.32 -2.16
CA ALA B 2 -1.74 -4.97 -2.31
C ALA B 2 -0.26 -4.80 -2.12
N ALA B 3 0.15 -3.71 -1.44
CA ALA B 3 1.45 -3.10 -1.57
C ALA B 3 1.92 -3.08 -3.03
N ALA B 4 3.20 -2.95 -3.27
CA ALA B 4 4.04 -1.76 -3.18
C ALA B 4 4.12 -0.97 -1.84
N ALA B 5 4.18 0.35 -1.87
CA ALA B 5 4.14 1.29 -0.69
C ALA B 5 4.93 2.62 -0.85
N ALA B 6 4.32 3.59 -1.54
CA ALA B 6 4.97 4.86 -1.96
C ALA B 6 5.76 5.65 -0.91
N ALA B 7 6.30 6.80 -1.34
CA ALA B 7 7.47 7.44 -0.70
C ALA B 7 7.35 8.91 -0.29
#